data_9GF6
#
_entry.id   9GF6
#
loop_
_entity.id
_entity.type
_entity.pdbx_description
1 polymer 'Nucleosomal DNA Strand 1'
2 polymer 'Nucleosomal DNA Strand 2'
3 polymer 'Histone H3.1'
4 polymer 'Histone H4'
5 polymer 'Histone H2A type 1-B/E'
6 polymer 'Histone H2B type 2-E'
7 polymer 'INO80 complex subunit B'
#
loop_
_entity_poly.entity_id
_entity_poly.type
_entity_poly.pdbx_seq_one_letter_code
_entity_poly.pdbx_strand_id
1 'polydeoxyribonucleotide'
;(DC)(DA)(DA)(DT)(DA)(DT)(DC)(DC)(DC)(DG)(DA)(DG)(DT)(DA)(DC)(DA)(DT)(DG)(DC)(DA)
(DC)(DA)(DG)(DG)(DA)(DT)(DG)(DT)(DA)(DT)(DA)(DT)(DA)(DT)(DC)(DT)(DG)(DA)(DC)(DA)
(DC)(DG)(DT)(DG)(DC)(DC)(DT)(DG)(DG)(DA)(DG)(DA)(DC)(DT)(DA)(DG)(DG)(DG)(DA)(DG)
(DT)(DA)(DA)(DT)(DC)(DC)(DC)(DC)(DT)(DT)(DG)(DG)(DC)(DG)(DG)(DT)(DT)(DA)(DA)(DA)
(DA)(DC)(DG)(DC)(DG)(DG)(DG)(DG)(DG)(DA)(DC)(DA)(DG)(DC)(DG)(DC)(DG)(DT)(DA)(DC)
(DG)(DT)(DG)(DC)(DG)(DT)(DT)(DT)(DA)(DA)(DG)(DC)(DG)(DG)(DT)(DG)(DC)(DT)(DA)(DG)
(DA)(DG)(DC)(DT)(DG)(DT)(DC)(DT)(DA)(DC)(DG)(DA)(DC)(DC)(DA)(DA)(DT)(DT)(DG)(DA)
(DG)(DC)(DG)(DG)(DC)(DC)(DT)(DC)(DG)(DG)(DC)(DA)
;
K
2 'polydeoxyribonucleotide'
;(DT)(DG)(DC)(DC)(DG)(DA)(DG)(DG)(DC)(DC)(DG)(DC)(DT)(DC)(DA)(DA)(DT)(DT)(DG)(DG)
(DT)(DC)(DG)(DT)(DA)(DG)(DA)(DC)(DA)(DG)(DC)(DT)(DC)(DT)(DA)(DG)(DC)(DA)(DC)(DC)
(DG)(DC)(DT)(DT)(DA)(DA)(DA)(DC)(DG)(DC)(DA)(DC)(DG)(DT)(DA)(DC)(DG)(DC)(DG)(DC)
(DT)(DG)(DT)(DC)(DC)(DC)(DC)(DC)(DG)(DC)(DG)(DT)(DT)(DT)(DT)(DA)(DA)(DC)(DC)(DG)
(DC)(DC)(DA)(DA)(DG)(DG)(DG)(DG)(DA)(DT)(DT)(DA)(DC)(DT)(DC)(DC)(DC)(DT)(DA)(DG)
(DT)(DC)(DT)(DC)(DC)(DA)(DG)(DG)(DC)(DA)(DC)(DG)(DT)(DG)(DT)(DC)(DA)(DG)(DA)(DT)
(DA)(DT)(DA)(DT)(DA)(DC)(DA)(DT)(DC)(DC)(DT)(DG)(DT)(DG)(DC)(DA)(DT)(DG)(DT)(DA)
(DC)(DT)(DC)(DG)(DG)(DG)(DA)(DT)(DA)(DT)(DT)(DG)
;
L
3 'polypeptide(L)'
;MARTKQTARKSTGGKAPRKQLATKAARKSAPATGGVKKPHRYRPGTVALREIRRYQKSTELLIRKLPFQRLVREIAQDFK
TDLRFQSSAVMALQEACEAYLVGLFEDTNLCAIHAKRVTIMPKDIQLARRIRGERA
;
M,Q
4 'polypeptide(L)'
;SGRGKGGKGLGKGGAKRHRKVLRDNIQGITKPAIRRLARRGGVKRISGLIYEETRGVLKVFLENVIRDAVTYTEHAKRKT
VTAMDVVYALKRQGRTLYGFGG
;
N,R
5 'polypeptide(L)'
;SGRGKQGGKARAKAKTRSSRAGLQFPVGRVHRLLRKGNYSERVGAGAPVYLAAVLEYLTAEILELAGNAARDNKKTRIIP
RHLQLAIRNDEELNKLLGRVTIAQGGVLPNIQAVLLPKKTESHHKAKGK
;
O,S
6 'polypeptide(L)'
;PEPAKSAPAPKKGSKKAVTKAQKKDGKKRKRSRKESYSIYVYKVLKQVHPDTGISSKAMGIMNSFVNDIFERIAGEASRL
AHYNKRSTITSREIQTAVRLLLPGELAKHAVSEGTKAVTKYTSSK
;
P,T
7 'polypeptide(L)'
;MSKLWRRGSTSGAMEAPEPGEALELSLAGAHGHGVHKKKHKKHKKKHKKKHHQEEDAGPTQPSPAKPQLKLKIKLGGQVL
GTKSVPTFTVIPEGPRSPSPLMVVDNEEEPMEGVPLEQYRAWLDEDSNLSPSPLRDLSGGLGGQEEEEEQRWLDALEKGE
LDDNGDLKKEINERLLTARQRALLQKARSQPSPMLPLPVAEGCPPPALTEEMLLKREERARKRRLQAARRAEEHKNQTIE
RLTKTAATSGRGGRGGARGERRGGRAAAPAPMVRYCSGAQGSTLSFPPGVPAPTAVSQRPSPSGPPPRCSVPGCPHPRRY
ACSRTGQALCSLQCYRINLQMRLGGPEGPGSPLLAT
;
H
#
loop_
_chem_comp.id
_chem_comp.type
_chem_comp.name
_chem_comp.formula
DA DNA linking 2'-DEOXYADENOSINE-5'-MONOPHOSPHATE 'C10 H14 N5 O6 P'
DC DNA linking 2'-DEOXYCYTIDINE-5'-MONOPHOSPHATE 'C9 H14 N3 O7 P'
DG DNA linking 2'-DEOXYGUANOSINE-5'-MONOPHOSPHATE 'C10 H14 N5 O7 P'
DT DNA linking THYMIDINE-5'-MONOPHOSPHATE 'C10 H15 N2 O8 P'
#
# COMPACT_ATOMS: atom_id res chain seq x y z
N ARG C 43 -31.47 0.41 -33.07
CA ARG C 43 -30.83 -0.61 -32.22
C ARG C 43 -29.48 -0.25 -31.56
N PRO C 44 -28.62 0.69 -32.01
CA PRO C 44 -27.21 0.67 -31.61
C PRO C 44 -26.99 0.89 -30.11
N GLY C 45 -25.94 0.28 -29.58
CA GLY C 45 -25.71 0.13 -28.15
C GLY C 45 -26.43 -1.07 -27.52
N THR C 46 -27.49 -1.61 -28.15
CA THR C 46 -28.19 -2.79 -27.60
C THR C 46 -27.36 -4.05 -27.76
N VAL C 47 -26.65 -4.20 -28.88
CA VAL C 47 -25.79 -5.37 -29.07
C VAL C 47 -24.58 -5.27 -28.16
N ALA C 48 -24.06 -4.06 -27.93
CA ALA C 48 -23.08 -3.81 -26.89
C ALA C 48 -23.60 -4.22 -25.49
N LEU C 49 -24.79 -3.79 -25.10
CA LEU C 49 -25.32 -4.14 -23.78
C LEU C 49 -25.57 -5.66 -23.65
N ARG C 50 -26.03 -6.32 -24.70
CA ARG C 50 -26.12 -7.79 -24.73
C ARG C 50 -24.73 -8.44 -24.67
N GLU C 51 -23.73 -7.84 -25.30
CA GLU C 51 -22.36 -8.31 -25.23
C GLU C 51 -21.79 -8.26 -23.80
N ILE C 52 -22.07 -7.21 -23.02
CA ILE C 52 -21.59 -7.14 -21.62
C ILE C 52 -22.05 -8.37 -20.84
N ARG C 53 -23.34 -8.72 -20.95
CA ARG C 53 -23.88 -9.90 -20.29
C ARG C 53 -23.17 -11.18 -20.75
N ARG C 54 -22.76 -11.25 -22.02
CA ARG C 54 -22.03 -12.40 -22.55
C ARG C 54 -20.65 -12.53 -21.94
N TYR C 55 -19.86 -11.46 -21.83
CA TYR C 55 -18.52 -11.55 -21.23
C TYR C 55 -18.51 -11.56 -19.70
N GLN C 56 -19.54 -11.08 -19.01
CA GLN C 56 -19.64 -11.23 -17.56
C GLN C 56 -20.06 -12.64 -17.16
N LYS C 57 -20.88 -13.34 -17.97
CA LYS C 57 -21.18 -14.76 -17.74
C LYS C 57 -20.02 -15.67 -18.13
N SER C 58 -19.26 -15.30 -19.17
CA SER C 58 -18.04 -16.01 -19.59
C SER C 58 -16.86 -15.70 -18.65
N THR C 59 -15.74 -16.42 -18.79
CA THR C 59 -14.63 -16.35 -17.81
C THR C 59 -13.23 -16.50 -18.39
N GLU C 60 -13.11 -17.00 -19.62
CA GLU C 60 -11.85 -17.26 -20.30
C GLU C 60 -11.05 -15.98 -20.60
N LEU C 61 -9.80 -16.18 -21.02
CA LEU C 61 -8.88 -15.10 -21.36
C LEU C 61 -9.37 -14.31 -22.59
N LEU C 62 -9.39 -12.98 -22.48
CA LEU C 62 -9.87 -12.09 -23.54
C LEU C 62 -8.78 -11.62 -24.50
N ILE C 63 -7.51 -11.69 -24.10
CA ILE C 63 -6.37 -11.30 -24.95
C ILE C 63 -5.80 -12.54 -25.66
N ARG C 64 -5.50 -12.41 -26.95
CA ARG C 64 -4.90 -13.48 -27.76
C ARG C 64 -3.53 -13.90 -27.21
N LYS C 65 -3.27 -15.20 -27.07
CA LYS C 65 -2.05 -15.70 -26.39
C LYS C 65 -0.80 -15.16 -27.04
N LEU C 66 -0.61 -15.34 -28.34
CA LEU C 66 0.65 -15.04 -28.99
C LEU C 66 0.99 -13.54 -28.95
N PRO C 67 0.07 -12.62 -29.22
CA PRO C 67 0.31 -11.20 -28.99
C PRO C 67 0.76 -10.91 -27.55
N PHE C 68 0.12 -11.50 -26.55
CA PHE C 68 0.52 -11.27 -25.17
C PHE C 68 1.88 -11.90 -24.84
N GLN C 69 2.12 -13.11 -25.33
CA GLN C 69 3.39 -13.83 -25.23
C GLN C 69 4.53 -13.00 -25.80
N ARG C 70 4.38 -12.44 -27.01
CA ARG C 70 5.39 -11.56 -27.58
C ARG C 70 5.51 -10.28 -26.78
N LEU C 71 4.42 -9.69 -26.33
CA LEU C 71 4.45 -8.45 -25.57
C LEU C 71 5.21 -8.58 -24.25
N VAL C 72 5.03 -9.68 -23.53
CA VAL C 72 5.81 -9.96 -22.31
C VAL C 72 7.29 -10.06 -22.64
N ARG C 73 7.67 -10.82 -23.67
CA ARG C 73 9.09 -10.93 -24.05
C ARG C 73 9.67 -9.59 -24.49
N GLU C 74 8.92 -8.84 -25.29
CA GLU C 74 9.32 -7.50 -25.73
C GLU C 74 9.62 -6.58 -24.55
N ILE C 75 8.71 -6.51 -23.58
CA ILE C 75 8.91 -5.67 -22.40
C ILE C 75 10.04 -6.20 -21.52
N ALA C 76 10.34 -7.49 -21.55
CA ALA C 76 11.47 -8.03 -20.80
C ALA C 76 12.84 -7.66 -21.39
N GLN C 77 12.95 -7.47 -22.71
CA GLN C 77 14.24 -7.39 -23.39
C GLN C 77 15.23 -6.39 -22.78
N ASP C 78 14.78 -5.18 -22.46
CA ASP C 78 15.67 -4.14 -21.92
C ASP C 78 15.75 -4.12 -20.38
N PHE C 79 15.09 -5.07 -19.71
CA PHE C 79 15.48 -5.45 -18.35
C PHE C 79 16.56 -6.53 -18.37
N LYS C 80 16.41 -7.54 -19.21
CA LYS C 80 17.49 -8.48 -19.51
C LYS C 80 17.33 -9.11 -20.89
N THR C 81 18.43 -9.29 -21.59
CA THR C 81 18.50 -10.13 -22.79
C THR C 81 18.21 -11.60 -22.47
N ASP C 82 17.91 -12.38 -23.51
CA ASP C 82 17.97 -13.86 -23.53
C ASP C 82 17.19 -14.65 -22.46
N LEU C 83 16.30 -14.01 -21.70
CA LEU C 83 15.44 -14.67 -20.71
C LEU C 83 14.60 -15.78 -21.34
N ARG C 84 14.37 -16.84 -20.56
CA ARG C 84 13.41 -17.91 -20.87
C ARG C 84 12.18 -17.72 -19.99
N PHE C 85 10.99 -17.84 -20.53
CA PHE C 85 9.76 -17.69 -19.76
C PHE C 85 9.07 -19.03 -19.59
N GLN C 86 8.83 -19.46 -18.36
CA GLN C 86 8.03 -20.65 -18.12
C GLN C 86 6.61 -20.40 -18.62
N SER C 87 6.04 -21.33 -19.37
CA SER C 87 4.73 -21.16 -20.01
C SER C 87 3.64 -20.70 -19.03
N SER C 88 3.60 -21.29 -17.84
CA SER C 88 2.65 -20.93 -16.79
C SER C 88 2.85 -19.50 -16.26
N ALA C 89 4.08 -18.98 -16.25
CA ALA C 89 4.33 -17.61 -15.80
C ALA C 89 3.66 -16.61 -16.72
N VAL C 90 3.76 -16.78 -18.03
CA VAL C 90 3.09 -15.89 -18.99
C VAL C 90 1.59 -15.94 -18.78
N MET C 91 1.03 -17.12 -18.51
CA MET C 91 -0.39 -17.23 -18.17
C MET C 91 -0.74 -16.46 -16.90
N ALA C 92 0.08 -16.57 -15.84
CA ALA C 92 -0.15 -15.83 -14.62
C ALA C 92 -0.10 -14.32 -14.86
N LEU C 93 0.90 -13.86 -15.60
CA LEU C 93 1.03 -12.46 -15.96
C LEU C 93 -0.19 -12.01 -16.76
N GLN C 94 -0.67 -12.83 -17.68
CA GLN C 94 -1.87 -12.50 -18.45
C GLN C 94 -3.09 -12.36 -17.55
N GLU C 95 -3.31 -13.27 -16.61
CA GLU C 95 -4.43 -13.12 -15.68
C GLU C 95 -4.31 -11.86 -14.83
N ALA C 96 -3.10 -11.52 -14.38
CA ALA C 96 -2.91 -10.28 -13.65
C ALA C 96 -3.26 -9.07 -14.51
N CYS C 97 -2.85 -9.05 -15.78
CA CYS C 97 -3.15 -7.95 -16.66
C CYS C 97 -4.62 -7.85 -16.98
N GLU C 98 -5.27 -8.94 -17.37
CA GLU C 98 -6.68 -8.89 -17.68
C GLU C 98 -7.49 -8.48 -16.44
N ALA C 99 -7.14 -8.98 -15.25
CA ALA C 99 -7.79 -8.54 -14.04
C ALA C 99 -7.54 -7.06 -13.74
N TYR C 100 -6.32 -6.58 -13.92
CA TYR C 100 -6.01 -5.17 -13.70
C TYR C 100 -6.80 -4.29 -14.68
N LEU C 101 -6.81 -4.62 -15.96
CA LEU C 101 -7.52 -3.83 -16.96
C LEU C 101 -9.02 -3.86 -16.72
N VAL C 102 -9.61 -5.01 -16.40
CA VAL C 102 -11.03 -5.06 -16.05
C VAL C 102 -11.30 -4.16 -14.86
N GLY C 103 -10.47 -4.24 -13.83
CA GLY C 103 -10.61 -3.39 -12.65
C GLY C 103 -10.49 -1.91 -12.98
N LEU C 104 -9.59 -1.54 -13.89
CA LEU C 104 -9.48 -0.16 -14.32
C LEU C 104 -10.72 0.28 -15.10
N PHE C 105 -11.22 -0.52 -16.04
CA PHE C 105 -12.40 -0.14 -16.80
C PHE C 105 -13.64 -0.06 -15.91
N GLU C 106 -13.80 -0.95 -14.94
CA GLU C 106 -14.83 -0.87 -13.91
C GLU C 106 -14.79 0.47 -13.16
N ASP C 107 -13.61 0.96 -12.76
CA ASP C 107 -13.48 2.30 -12.15
C ASP C 107 -13.59 3.45 -13.17
N THR C 108 -13.22 3.22 -14.42
CA THR C 108 -13.33 4.23 -15.48
C THR C 108 -14.78 4.47 -15.84
N ASN C 109 -15.60 3.43 -15.84
CA ASN C 109 -17.04 3.55 -16.03
C ASN C 109 -17.64 4.48 -14.98
N LEU C 110 -17.27 4.32 -13.71
CA LEU C 110 -17.69 5.25 -12.66
C LEU C 110 -17.30 6.68 -13.00
N CYS C 111 -16.08 6.93 -13.49
CA CYS C 111 -15.68 8.27 -13.89
C CYS C 111 -16.55 8.84 -15.00
N ALA C 112 -16.72 8.13 -16.11
CA ALA C 112 -17.52 8.66 -17.21
C ALA C 112 -18.97 8.91 -16.79
N ILE C 113 -19.58 7.97 -16.07
CA ILE C 113 -20.95 8.09 -15.59
C ILE C 113 -21.09 9.25 -14.61
N HIS C 114 -20.06 9.52 -13.82
CA HIS C 114 -20.03 10.70 -12.97
C HIS C 114 -20.00 12.00 -13.76
N ALA C 115 -19.32 12.01 -14.90
CA ALA C 115 -19.36 13.10 -15.87
C ALA C 115 -20.58 13.05 -16.80
N LYS C 116 -21.63 12.29 -16.46
CA LYS C 116 -22.89 12.18 -17.23
C LYS C 116 -22.69 11.62 -18.65
N ARG C 117 -21.58 10.94 -18.93
CA ARG C 117 -21.32 10.26 -20.21
C ARG C 117 -21.42 8.75 -20.03
N VAL C 118 -22.13 8.06 -20.91
CA VAL C 118 -22.00 6.60 -21.01
C VAL C 118 -20.77 6.17 -21.82
N THR C 119 -20.08 7.14 -22.43
CA THR C 119 -18.91 6.89 -23.27
C THR C 119 -17.61 7.20 -22.54
N ILE C 120 -16.76 6.20 -22.31
CA ILE C 120 -15.45 6.43 -21.68
C ILE C 120 -14.47 7.08 -22.64
N MET C 121 -13.54 7.86 -22.10
CA MET C 121 -12.57 8.66 -22.84
C MET C 121 -11.22 8.64 -22.14
N PRO C 122 -10.10 8.93 -22.82
CA PRO C 122 -8.79 8.98 -22.18
C PRO C 122 -8.77 9.87 -20.94
N LYS C 123 -9.49 10.98 -20.98
CA LYS C 123 -9.65 11.90 -19.85
C LYS C 123 -10.26 11.26 -18.61
N ASP C 124 -11.03 10.19 -18.74
CA ASP C 124 -11.48 9.37 -17.61
C ASP C 124 -10.37 8.46 -17.08
N ILE C 125 -9.63 7.79 -17.96
CA ILE C 125 -8.51 6.95 -17.54
C ILE C 125 -7.49 7.78 -16.76
N GLN C 126 -7.16 8.99 -17.24
CA GLN C 126 -6.25 9.87 -16.50
C GLN C 126 -6.76 10.23 -15.12
N LEU C 127 -8.09 10.33 -14.92
CA LEU C 127 -8.63 10.53 -13.58
C LEU C 127 -8.47 9.27 -12.74
N ALA C 128 -8.94 8.12 -13.23
CA ALA C 128 -8.94 6.90 -12.44
C ALA C 128 -7.52 6.50 -12.02
N ARG C 129 -6.55 6.48 -12.94
CA ARG C 129 -5.16 6.17 -12.58
C ARG C 129 -4.51 7.22 -11.70
N ARG C 130 -4.96 8.48 -11.73
CA ARG C 130 -4.49 9.48 -10.77
C ARG C 130 -5.04 9.17 -9.39
N ILE C 131 -6.35 9.06 -9.20
CA ILE C 131 -6.89 8.94 -7.84
C ILE C 131 -6.80 7.53 -7.26
N ARG C 132 -6.48 6.52 -8.06
CA ARG C 132 -5.91 5.25 -7.57
C ARG C 132 -4.60 5.45 -6.80
N GLY C 133 -3.91 6.56 -7.04
CA GLY C 133 -2.55 6.81 -6.58
C GLY C 133 -1.47 6.19 -7.46
N GLU C 134 -1.81 5.61 -8.62
CA GLU C 134 -0.86 4.87 -9.46
C GLU C 134 0.09 5.78 -10.22
N ARG C 135 -0.37 6.92 -10.74
CA ARG C 135 0.51 7.97 -11.28
C ARG C 135 -0.17 9.34 -11.36
N ARG D 23 9.61 -5.88 -31.50
CA ARG D 23 9.38 -4.56 -32.14
C ARG D 23 7.95 -4.04 -31.88
N ASP D 24 7.00 -4.31 -32.78
CA ASP D 24 5.70 -3.63 -32.90
C ASP D 24 4.64 -4.07 -31.87
N ASN D 25 4.99 -4.97 -30.96
CA ASN D 25 4.04 -5.90 -30.36
C ASN D 25 3.00 -5.25 -29.44
N ILE D 26 3.27 -4.05 -28.93
CA ILE D 26 2.30 -3.27 -28.15
C ILE D 26 1.04 -3.01 -29.00
N GLN D 27 1.19 -2.75 -30.29
CA GLN D 27 0.09 -2.58 -31.24
C GLN D 27 -0.65 -3.90 -31.52
N GLY D 28 -0.06 -5.04 -31.17
CA GLY D 28 -0.63 -6.38 -31.39
C GLY D 28 -1.77 -6.73 -30.45
N ILE D 29 -1.97 -6.00 -29.34
CA ILE D 29 -3.19 -6.10 -28.54
C ILE D 29 -4.33 -5.51 -29.38
N THR D 30 -5.17 -6.35 -29.96
CA THR D 30 -6.15 -5.93 -30.99
C THR D 30 -7.19 -4.97 -30.43
N LYS D 31 -7.75 -4.10 -31.29
CA LYS D 31 -8.85 -3.22 -30.90
C LYS D 31 -10.00 -4.03 -30.30
N PRO D 32 -10.52 -5.08 -30.97
CA PRO D 32 -11.50 -5.98 -30.36
C PRO D 32 -11.08 -6.56 -29.01
N ALA D 33 -9.81 -6.92 -28.79
CA ALA D 33 -9.41 -7.43 -27.48
C ALA D 33 -9.63 -6.39 -26.39
N ILE D 34 -9.12 -5.17 -26.55
CA ILE D 34 -9.37 -4.11 -25.58
C ILE D 34 -10.85 -3.79 -25.46
N ARG D 35 -11.60 -3.86 -26.57
CA ARG D 35 -13.04 -3.67 -26.58
C ARG D 35 -13.74 -4.70 -25.71
N ARG D 36 -13.46 -6.00 -25.89
CA ARG D 36 -14.02 -7.05 -25.02
C ARG D 36 -13.61 -6.85 -23.57
N LEU D 37 -12.34 -6.55 -23.36
CA LEU D 37 -11.76 -6.40 -22.03
C LEU D 37 -12.43 -5.27 -21.27
N ALA D 38 -12.77 -4.17 -21.94
CA ALA D 38 -13.58 -3.12 -21.38
C ALA D 38 -15.03 -3.56 -21.19
N ARG D 39 -15.62 -4.28 -22.15
CA ARG D 39 -17.00 -4.76 -22.06
C ARG D 39 -17.21 -5.68 -20.86
N ARG D 40 -16.25 -6.54 -20.50
CA ARG D 40 -16.34 -7.30 -19.24
C ARG D 40 -16.42 -6.36 -18.03
N GLY D 41 -15.64 -5.30 -18.03
CA GLY D 41 -15.68 -4.25 -17.03
C GLY D 41 -16.96 -3.40 -17.04
N GLY D 42 -17.87 -3.63 -17.98
CA GLY D 42 -19.22 -3.07 -17.94
C GLY D 42 -19.34 -1.63 -18.41
N VAL D 43 -18.46 -1.14 -19.29
CA VAL D 43 -18.70 0.13 -20.01
C VAL D 43 -19.57 -0.09 -21.25
N LYS D 44 -20.41 0.88 -21.62
CA LYS D 44 -21.25 0.74 -22.83
C LYS D 44 -20.56 1.24 -24.10
N ARG D 45 -19.93 2.41 -24.11
CA ARG D 45 -19.32 2.97 -25.34
C ARG D 45 -17.86 3.36 -25.13
N ILE D 46 -17.02 3.11 -26.12
CA ILE D 46 -15.59 3.40 -26.08
C ILE D 46 -15.29 4.55 -27.05
N SER D 47 -14.78 5.71 -26.62
CA SER D 47 -14.28 6.67 -27.60
C SER D 47 -12.94 6.21 -28.16
N GLY D 48 -12.73 6.30 -29.47
CA GLY D 48 -11.64 5.61 -30.18
C GLY D 48 -10.22 5.97 -29.72
N LEU D 49 -10.04 7.08 -29.03
CA LEU D 49 -8.76 7.42 -28.41
C LEU D 49 -8.40 6.51 -27.22
N ILE D 50 -9.35 5.78 -26.64
CA ILE D 50 -9.10 4.81 -25.56
C ILE D 50 -8.12 3.73 -26.00
N TYR D 51 -8.18 3.24 -27.23
CA TYR D 51 -7.40 2.08 -27.64
C TYR D 51 -5.88 2.34 -27.57
N GLU D 52 -5.40 3.37 -28.24
CA GLU D 52 -3.96 3.69 -28.22
C GLU D 52 -3.47 4.09 -26.83
N GLU D 53 -4.32 4.68 -26.01
CA GLU D 53 -3.95 5.08 -24.66
C GLU D 53 -3.91 3.86 -23.72
N THR D 54 -4.89 2.96 -23.81
CA THR D 54 -4.95 1.73 -23.02
C THR D 54 -3.73 0.86 -23.21
N ARG D 55 -3.25 0.73 -24.45
CA ARG D 55 -2.01 -0.01 -24.75
C ARG D 55 -0.83 0.55 -23.94
N GLY D 56 -0.77 1.86 -23.78
CA GLY D 56 0.21 2.52 -22.91
C GLY D 56 0.05 2.13 -21.45
N VAL D 57 -1.18 2.13 -20.91
CA VAL D 57 -1.42 1.72 -19.52
C VAL D 57 -1.04 0.27 -19.27
N LEU D 58 -1.48 -0.63 -20.14
CA LEU D 58 -1.14 -2.04 -20.02
C LEU D 58 0.36 -2.23 -20.11
N LYS D 59 1.05 -1.57 -21.06
CA LYS D 59 2.50 -1.63 -21.16
C LYS D 59 3.19 -1.12 -19.90
N VAL D 60 2.64 -0.10 -19.23
CA VAL D 60 3.15 0.36 -17.93
C VAL D 60 2.94 -0.68 -16.84
N PHE D 61 1.80 -1.37 -16.80
CA PHE D 61 1.58 -2.39 -15.79
C PHE D 61 2.49 -3.61 -15.97
N LEU D 62 2.60 -4.16 -17.19
CA LEU D 62 3.59 -5.19 -17.46
C LEU D 62 5.02 -4.69 -17.21
N GLU D 63 5.35 -3.45 -17.54
CA GLU D 63 6.68 -2.91 -17.30
C GLU D 63 7.02 -2.99 -15.82
N ASN D 64 6.12 -2.58 -14.93
CA ASN D 64 6.36 -2.72 -13.49
C ASN D 64 6.46 -4.19 -13.08
N VAL D 65 5.50 -5.04 -13.44
CA VAL D 65 5.50 -6.43 -13.00
C VAL D 65 6.72 -7.19 -13.51
N ILE D 66 7.08 -7.02 -14.78
CA ILE D 66 8.22 -7.72 -15.36
C ILE D 66 9.50 -7.19 -14.76
N ARG D 67 9.67 -5.88 -14.59
CA ARG D 67 10.88 -5.33 -13.96
C ARG D 67 11.10 -5.93 -12.58
N ASP D 68 10.05 -6.05 -11.77
CA ASP D 68 10.16 -6.76 -10.51
C ASP D 68 10.47 -8.25 -10.71
N ALA D 69 9.67 -8.99 -11.48
CA ALA D 69 9.86 -10.43 -11.65
C ALA D 69 11.24 -10.80 -12.21
N VAL D 70 11.78 -10.01 -13.13
CA VAL D 70 13.14 -10.22 -13.64
C VAL D 70 14.16 -10.05 -12.52
N THR D 71 14.02 -9.08 -11.61
CA THR D 71 14.97 -8.97 -10.50
C THR D 71 14.90 -10.13 -9.52
N TYR D 72 13.71 -10.71 -9.23
CA TYR D 72 13.67 -11.98 -8.48
C TYR D 72 14.43 -13.08 -9.24
N THR D 73 14.25 -13.15 -10.54
CA THR D 73 14.87 -14.18 -11.38
C THR D 73 16.39 -14.04 -11.42
N GLU D 74 16.89 -12.83 -11.63
CA GLU D 74 18.31 -12.51 -11.55
C GLU D 74 18.90 -12.81 -10.18
N HIS D 75 18.14 -12.57 -9.11
CA HIS D 75 18.63 -12.89 -7.78
C HIS D 75 18.90 -14.37 -7.61
N ALA D 76 17.98 -15.22 -8.07
CA ALA D 76 18.13 -16.67 -8.04
C ALA D 76 19.20 -17.22 -9.00
N LYS D 77 19.98 -16.36 -9.67
CA LYS D 77 21.05 -16.73 -10.61
C LYS D 77 20.54 -17.57 -11.78
N ARG D 78 19.26 -17.39 -12.13
CA ARG D 78 18.46 -18.32 -12.93
C ARG D 78 18.04 -17.68 -14.26
N LYS D 79 18.10 -18.42 -15.36
CA LYS D 79 17.76 -17.91 -16.71
C LYS D 79 16.25 -17.86 -16.98
N THR D 80 15.47 -18.68 -16.26
CA THR D 80 14.04 -18.85 -16.50
C THR D 80 13.18 -18.11 -15.48
N VAL D 81 12.26 -17.25 -15.93
CA VAL D 81 11.20 -16.69 -15.10
C VAL D 81 10.15 -17.78 -14.85
N THR D 82 9.93 -18.18 -13.61
CA THR D 82 8.89 -19.16 -13.26
C THR D 82 7.61 -18.49 -12.81
N ALA D 83 6.50 -19.22 -12.76
CA ALA D 83 5.23 -18.67 -12.32
C ALA D 83 5.30 -18.11 -10.90
N MET D 84 6.13 -18.71 -10.03
CA MET D 84 6.31 -18.16 -8.69
C MET D 84 6.94 -16.76 -8.70
N ASP D 85 7.87 -16.49 -9.61
CA ASP D 85 8.56 -15.20 -9.60
C ASP D 85 7.62 -14.07 -10.00
N VAL D 86 6.79 -14.28 -11.02
CA VAL D 86 5.75 -13.30 -11.36
C VAL D 86 4.69 -13.20 -10.26
N VAL D 87 4.27 -14.30 -9.63
CA VAL D 87 3.33 -14.21 -8.51
C VAL D 87 3.92 -13.43 -7.33
N TYR D 88 5.18 -13.66 -6.99
CA TYR D 88 5.82 -12.88 -5.94
C TYR D 88 5.92 -11.41 -6.32
N ALA D 89 6.25 -11.07 -7.57
CA ALA D 89 6.20 -9.68 -8.01
C ALA D 89 4.81 -9.07 -7.81
N LEU D 90 3.75 -9.82 -8.10
CA LEU D 90 2.39 -9.35 -7.89
C LEU D 90 2.04 -9.18 -6.41
N LYS D 91 2.54 -10.05 -5.52
CA LYS D 91 2.44 -9.80 -4.06
C LYS D 91 3.22 -8.56 -3.64
N ARG D 92 4.44 -8.38 -4.17
CA ARG D 92 5.29 -7.21 -3.92
C ARG D 92 4.60 -5.90 -4.30
N GLN D 93 3.78 -5.91 -5.35
CA GLN D 93 2.99 -4.74 -5.75
C GLN D 93 1.64 -4.60 -5.03
N GLY D 94 1.32 -5.47 -4.08
CA GLY D 94 0.05 -5.41 -3.36
C GLY D 94 -1.17 -5.68 -4.25
N ARG D 95 -0.98 -6.43 -5.35
CA ARG D 95 -2.02 -6.84 -6.30
C ARG D 95 -1.97 -8.35 -6.48
N THR D 96 -2.22 -9.05 -5.38
CA THR D 96 -1.98 -10.50 -5.25
C THR D 96 -2.79 -11.33 -6.25
N LEU D 97 -2.26 -12.49 -6.63
CA LEU D 97 -2.88 -13.42 -7.57
C LEU D 97 -2.80 -14.83 -6.99
N TYR D 98 -3.89 -15.57 -6.99
CA TYR D 98 -3.96 -16.95 -6.51
C TYR D 98 -3.88 -17.96 -7.65
N GLY D 99 -3.64 -19.23 -7.34
CA GLY D 99 -3.79 -20.35 -8.26
C GLY D 99 -2.52 -20.73 -9.02
N PHE D 100 -1.70 -19.77 -9.43
CA PHE D 100 -0.47 -20.02 -10.19
C PHE D 100 0.71 -20.50 -9.33
N GLY D 101 0.46 -21.40 -8.37
CA GLY D 101 1.41 -21.73 -7.31
C GLY D 101 1.47 -20.65 -6.24
N GLY D 102 1.95 -21.00 -5.05
CA GLY D 102 1.78 -20.17 -3.84
C GLY D 102 0.30 -19.91 -3.54
N LYS E 13 44.74 -2.59 17.78
CA LYS E 13 43.58 -1.82 18.30
C LYS E 13 42.38 -1.99 17.38
N ALA E 14 41.16 -1.93 17.91
CA ALA E 14 39.93 -2.00 17.12
C ALA E 14 39.71 -0.76 16.24
N LYS E 15 38.93 -0.94 15.18
CA LYS E 15 38.32 0.16 14.38
C LYS E 15 36.86 -0.21 14.11
N THR E 16 35.92 0.70 14.30
CA THR E 16 34.50 0.37 14.10
C THR E 16 34.22 -0.10 12.67
N ARG E 17 33.28 -1.02 12.47
CA ARG E 17 32.86 -1.42 11.12
C ARG E 17 32.44 -0.20 10.30
N SER E 18 31.72 0.74 10.91
CA SER E 18 31.28 1.98 10.29
C SER E 18 32.47 2.76 9.72
N SER E 19 33.43 3.13 10.57
CA SER E 19 34.58 3.94 10.15
C SER E 19 35.53 3.17 9.23
N ARG E 20 35.61 1.84 9.35
CA ARG E 20 36.37 0.99 8.42
C ARG E 20 35.77 1.01 7.03
N ALA E 21 34.45 0.83 6.94
CA ALA E 21 33.72 0.92 5.68
C ALA E 21 33.59 2.37 5.18
N GLY E 22 33.79 3.36 6.05
CA GLY E 22 33.71 4.79 5.73
C GLY E 22 32.32 5.40 5.87
N LEU E 23 31.32 4.65 6.33
CA LEU E 23 29.99 5.17 6.62
C LEU E 23 29.98 5.97 7.92
N GLN E 24 29.10 6.97 7.98
CA GLN E 24 28.66 7.60 9.22
C GLN E 24 27.55 6.77 9.89
N PHE E 25 26.76 6.00 9.13
CA PHE E 25 25.73 5.13 9.70
C PHE E 25 26.29 3.92 10.48
N PRO E 26 25.58 3.45 11.52
CA PRO E 26 26.12 2.55 12.53
C PRO E 26 26.07 1.08 12.12
N VAL E 27 27.11 0.59 11.44
CA VAL E 27 27.11 -0.78 10.92
C VAL E 27 26.89 -1.82 12.01
N GLY E 28 27.48 -1.64 13.19
CA GLY E 28 27.27 -2.56 14.31
C GLY E 28 25.80 -2.63 14.72
N ARG E 29 25.14 -1.49 14.86
CA ARG E 29 23.72 -1.42 15.22
C ARG E 29 22.85 -2.06 14.15
N VAL E 30 23.16 -1.83 12.88
CA VAL E 30 22.45 -2.49 11.78
C VAL E 30 22.66 -4.00 11.86
N HIS E 31 23.87 -4.48 12.13
CA HIS E 31 24.16 -5.90 12.27
C HIS E 31 23.29 -6.53 13.36
N ARG E 32 23.29 -5.94 14.56
CA ARG E 32 22.41 -6.41 15.64
C ARG E 32 20.96 -6.36 15.23
N LEU E 33 20.49 -5.29 14.60
CA LEU E 33 19.08 -5.21 14.22
C LEU E 33 18.70 -6.30 13.22
N LEU E 34 19.55 -6.62 12.24
CA LEU E 34 19.28 -7.75 11.35
C LEU E 34 19.32 -9.08 12.09
N ARG E 35 20.29 -9.29 13.00
CA ARG E 35 20.42 -10.53 13.76
C ARG E 35 19.25 -10.75 14.74
N LYS E 36 18.79 -9.70 15.41
CA LYS E 36 17.77 -9.75 16.47
C LYS E 36 16.35 -9.45 16.00
N GLY E 37 16.17 -8.92 14.80
CA GLY E 37 14.84 -8.73 14.22
C GLY E 37 14.17 -10.02 13.73
N ASN E 38 14.87 -11.16 13.77
CA ASN E 38 14.43 -12.42 13.16
C ASN E 38 14.03 -12.27 11.69
N TYR E 39 14.76 -11.45 10.93
CA TYR E 39 14.72 -11.50 9.48
C TYR E 39 15.38 -12.77 8.93
N SER E 40 16.31 -13.36 9.69
CA SER E 40 16.85 -14.70 9.47
C SER E 40 17.59 -15.19 10.73
N GLU E 41 17.81 -16.50 10.84
CA GLU E 41 18.74 -17.08 11.81
C GLU E 41 20.22 -16.76 11.52
N ARG E 42 20.60 -16.31 10.33
CA ARG E 42 22.00 -16.02 9.97
C ARG E 42 22.14 -14.75 9.13
N VAL E 43 23.07 -13.86 9.47
CA VAL E 43 23.31 -12.59 8.75
C VAL E 43 24.74 -12.52 8.24
N GLY E 44 24.91 -12.28 6.94
CA GLY E 44 26.23 -12.22 6.32
C GLY E 44 27.02 -10.99 6.74
N ALA E 45 28.34 -11.09 6.87
CA ALA E 45 29.17 -10.00 7.36
C ALA E 45 29.08 -8.76 6.46
N GLY E 46 28.85 -8.94 5.15
CA GLY E 46 28.64 -7.84 4.24
C GLY E 46 27.27 -7.15 4.39
N ALA E 47 26.21 -7.89 4.73
CA ALA E 47 24.86 -7.37 4.67
C ALA E 47 24.64 -6.09 5.47
N PRO E 48 25.04 -5.96 6.73
CA PRO E 48 24.82 -4.73 7.46
C PRO E 48 25.70 -3.59 6.95
N VAL E 49 26.87 -3.85 6.36
CA VAL E 49 27.65 -2.78 5.72
C VAL E 49 26.87 -2.23 4.53
N TYR E 50 26.41 -3.12 3.67
CA TYR E 50 25.66 -2.73 2.48
C TYR E 50 24.37 -1.99 2.85
N LEU E 51 23.64 -2.49 3.83
CA LEU E 51 22.41 -1.85 4.27
C LEU E 51 22.67 -0.50 4.93
N ALA E 52 23.70 -0.38 5.77
CA ALA E 52 24.05 0.91 6.35
C ALA E 52 24.37 1.93 5.27
N ALA E 53 25.10 1.55 4.22
CA ALA E 53 25.39 2.45 3.14
C ALA E 53 24.13 2.94 2.40
N VAL E 54 23.12 2.09 2.24
CA VAL E 54 21.87 2.50 1.60
C VAL E 54 21.04 3.42 2.50
N LEU E 55 20.93 3.11 3.79
CA LEU E 55 20.29 4.02 4.73
C LEU E 55 21.01 5.36 4.77
N GLU E 56 22.34 5.36 4.76
CA GLU E 56 23.11 6.58 4.70
C GLU E 56 22.82 7.34 3.43
N TYR E 57 22.89 6.71 2.26
CA TYR E 57 22.63 7.40 1.00
C TYR E 57 21.24 8.05 1.00
N LEU E 58 20.22 7.31 1.39
CA LEU E 58 18.87 7.85 1.45
C LEU E 58 18.79 9.01 2.43
N THR E 59 19.40 8.89 3.60
CA THR E 59 19.39 9.97 4.58
C THR E 59 20.16 11.19 4.10
N ALA E 60 21.30 11.00 3.44
CA ALA E 60 22.05 12.10 2.86
C ALA E 60 21.25 12.79 1.77
N GLU E 61 20.59 12.04 0.89
CA GLU E 61 19.88 12.66 -0.22
C GLU E 61 18.63 13.39 0.24
N ILE E 62 17.82 12.79 1.12
CA ILE E 62 16.60 13.44 1.60
C ILE E 62 16.94 14.70 2.42
N LEU E 63 18.05 14.70 3.17
CA LEU E 63 18.51 15.89 3.86
C LEU E 63 19.08 16.94 2.92
N GLU E 64 19.86 16.57 1.89
CA GLU E 64 20.39 17.54 0.95
C GLU E 64 19.27 18.35 0.29
N LEU E 65 18.24 17.66 -0.19
CA LEU E 65 17.08 18.31 -0.77
C LEU E 65 16.33 19.15 0.27
N ALA E 66 16.15 18.65 1.50
CA ALA E 66 15.48 19.44 2.53
C ALA E 66 16.27 20.70 2.87
N GLY E 67 17.58 20.60 3.05
CA GLY E 67 18.44 21.73 3.37
C GLY E 67 18.40 22.78 2.26
N ASN E 68 18.44 22.34 1.00
CA ASN E 68 18.25 23.24 -0.12
C ASN E 68 16.88 23.92 -0.06
N ALA E 69 15.79 23.19 0.20
CA ALA E 69 14.48 23.80 0.33
C ALA E 69 14.43 24.80 1.50
N ALA E 70 15.10 24.52 2.62
CA ALA E 70 15.15 25.41 3.77
C ALA E 70 15.88 26.72 3.45
N ARG E 71 17.09 26.62 2.87
CA ARG E 71 17.86 27.80 2.48
C ARG E 71 17.16 28.57 1.36
N ASP E 72 16.52 27.90 0.41
CA ASP E 72 15.69 28.56 -0.61
C ASP E 72 14.45 29.26 -0.02
N ASN E 73 14.03 28.89 1.18
CA ASN E 73 13.03 29.61 1.98
C ASN E 73 13.68 30.43 3.11
N LYS E 74 14.97 30.76 2.99
CA LYS E 74 15.78 31.60 3.90
C LYS E 74 15.69 31.25 5.39
N LYS E 75 15.64 29.96 5.72
CA LYS E 75 15.79 29.42 7.08
C LYS E 75 16.98 28.45 7.15
N THR E 76 17.66 28.35 8.28
CA THR E 76 18.83 27.48 8.48
C THR E 76 18.53 26.28 9.38
N ARG E 77 17.45 26.35 10.17
CA ARG E 77 16.89 25.24 10.94
C ARG E 77 15.92 24.43 10.09
N ILE E 78 16.28 23.22 9.67
CA ILE E 78 15.34 22.31 8.98
C ILE E 78 14.19 21.95 9.92
N ILE E 79 12.96 22.07 9.44
CA ILE E 79 11.72 21.70 10.15
C ILE E 79 10.83 20.87 9.22
N PRO E 80 9.82 20.13 9.70
CA PRO E 80 9.12 19.11 8.92
C PRO E 80 8.64 19.56 7.55
N ARG E 81 8.21 20.82 7.43
CA ARG E 81 7.84 21.42 6.16
C ARG E 81 8.91 21.27 5.08
N HIS E 82 10.17 21.52 5.40
CA HIS E 82 11.25 21.41 4.42
C HIS E 82 11.45 19.99 3.93
N LEU E 83 11.27 19.00 4.81
CA LEU E 83 11.28 17.61 4.38
C LEU E 83 10.10 17.34 3.44
N GLN E 84 8.90 17.82 3.76
CA GLN E 84 7.74 17.61 2.89
C GLN E 84 7.95 18.27 1.52
N LEU E 85 8.54 19.46 1.42
CA LEU E 85 8.88 20.04 0.11
C LEU E 85 9.88 19.17 -0.65
N ALA E 86 10.94 18.70 0.01
CA ALA E 86 11.94 17.86 -0.61
C ALA E 86 11.35 16.54 -1.11
N ILE E 87 10.56 15.86 -0.29
CA ILE E 87 9.97 14.58 -0.63
C ILE E 87 8.98 14.71 -1.80
N ARG E 88 8.15 15.76 -1.83
CA ARG E 88 7.10 15.86 -2.86
C ARG E 88 7.55 16.49 -4.16
N ASN E 89 8.64 17.26 -4.19
CA ASN E 89 9.17 17.76 -5.45
C ASN E 89 9.82 16.66 -6.28
N ASP E 90 10.78 15.91 -5.72
CA ASP E 90 11.56 14.94 -6.50
C ASP E 90 10.83 13.61 -6.63
N GLU E 91 10.37 13.26 -7.82
CA GLU E 91 9.38 12.20 -8.02
C GLU E 91 9.85 10.81 -7.60
N GLU E 92 11.16 10.55 -7.53
CA GLU E 92 11.66 9.26 -7.03
C GLU E 92 11.55 9.16 -5.52
N LEU E 93 11.75 10.24 -4.76
CA LEU E 93 11.37 10.25 -3.35
C LEU E 93 9.86 10.16 -3.24
N ASN E 94 9.11 10.90 -4.06
CA ASN E 94 7.66 10.87 -3.96
C ASN E 94 7.10 9.48 -4.26
N LYS E 95 7.74 8.68 -5.11
CA LYS E 95 7.35 7.28 -5.31
C LYS E 95 7.80 6.39 -4.16
N LEU E 96 9.01 6.56 -3.64
CA LEU E 96 9.53 5.75 -2.52
C LEU E 96 8.68 5.92 -1.26
N LEU E 97 8.48 7.16 -0.85
CA LEU E 97 7.70 7.48 0.33
C LEU E 97 6.20 7.43 0.02
N GLY E 98 5.80 7.67 -1.22
CA GLY E 98 4.46 7.36 -1.71
C GLY E 98 3.35 7.87 -0.80
N ARG E 99 2.69 6.92 -0.15
CA ARG E 99 1.52 7.12 0.70
C ARG E 99 1.79 7.53 2.15
N VAL E 100 3.04 7.57 2.63
CA VAL E 100 3.32 7.98 4.01
C VAL E 100 3.04 9.46 4.24
N THR E 101 2.84 9.84 5.50
CA THR E 101 2.45 11.18 5.93
C THR E 101 3.47 11.75 6.90
N ILE E 102 3.76 13.04 6.81
CA ILE E 102 4.75 13.71 7.64
C ILE E 102 4.03 14.59 8.65
N ALA E 103 4.25 14.38 9.95
CA ALA E 103 3.59 15.17 10.98
C ALA E 103 3.89 16.67 10.78
N GLN E 104 2.85 17.50 10.74
CA GLN E 104 2.92 18.94 10.48
C GLN E 104 3.74 19.35 9.24
N GLY E 105 3.86 18.48 8.24
CA GLY E 105 4.51 18.79 6.97
C GLY E 105 3.65 19.61 6.02
N GLY E 106 2.33 19.57 6.17
CA GLY E 106 1.39 20.23 5.26
C GLY E 106 1.38 19.58 3.87
N VAL E 107 1.06 20.36 2.83
CA VAL E 107 0.97 19.87 1.44
C VAL E 107 1.79 20.74 0.50
N LEU E 108 2.26 20.17 -0.61
CA LEU E 108 3.03 20.89 -1.64
C LEU E 108 2.16 21.99 -2.29
N PRO E 109 2.56 23.27 -2.31
CA PRO E 109 1.77 24.34 -2.90
C PRO E 109 1.40 24.07 -4.34
N ASN E 110 0.11 24.02 -4.61
CA ASN E 110 -0.46 23.53 -5.86
C ASN E 110 -1.92 23.97 -5.97
N ILE E 111 -2.16 25.15 -6.56
CA ILE E 111 -3.50 25.55 -6.98
C ILE E 111 -3.78 24.82 -8.28
N GLN E 112 -4.78 23.95 -8.33
CA GLN E 112 -5.07 23.20 -9.55
C GLN E 112 -5.48 24.14 -10.70
N ALA E 113 -5.11 23.81 -11.94
CA ALA E 113 -5.55 24.55 -13.13
C ALA E 113 -7.08 24.53 -13.29
N VAL E 114 -7.63 25.28 -14.24
CA VAL E 114 -9.08 25.52 -14.45
C VAL E 114 -9.74 26.32 -13.33
N LEU E 115 -9.42 26.05 -12.07
CA LEU E 115 -9.79 26.92 -10.94
C LEU E 115 -9.08 28.27 -11.04
N LEU E 116 -7.84 28.25 -11.55
CA LEU E 116 -6.96 29.40 -11.73
C LEU E 116 -7.64 30.41 -12.69
N PRO E 117 -7.88 31.67 -12.29
CA PRO E 117 -8.72 32.61 -13.01
C PRO E 117 -8.18 33.04 -14.37
N LYS E 118 -9.08 33.54 -15.22
CA LYS E 118 -8.87 33.86 -16.63
C LYS E 118 -8.74 35.36 -16.90
N SER F 32 14.61 4.37 30.04
CA SER F 32 15.89 3.63 29.95
C SER F 32 16.88 4.30 29.00
N ARG F 33 16.84 4.02 27.69
CA ARG F 33 17.92 4.40 26.73
C ARG F 33 17.50 4.94 25.35
N LYS F 34 16.23 4.77 24.93
CA LYS F 34 15.65 5.31 23.68
C LYS F 34 16.59 5.18 22.45
N GLU F 35 17.10 3.98 22.22
CA GLU F 35 18.08 3.68 21.18
C GLU F 35 17.58 4.12 19.79
N SER F 36 18.39 4.91 19.08
CA SER F 36 17.92 5.74 17.95
C SER F 36 19.07 6.20 17.06
N TYR F 37 18.77 6.75 15.88
CA TYR F 37 19.75 7.15 14.86
C TYR F 37 20.21 8.60 14.95
N SER F 38 19.75 9.36 15.94
CA SER F 38 19.80 10.82 15.90
C SER F 38 21.19 11.39 15.68
N ILE F 39 22.22 10.93 16.39
CA ILE F 39 23.57 11.45 16.16
C ILE F 39 24.12 11.12 14.78
N TYR F 40 23.80 9.97 14.18
CA TYR F 40 24.28 9.68 12.83
C TYR F 40 23.61 10.58 11.81
N VAL F 41 22.30 10.77 11.92
CA VAL F 41 21.54 11.66 11.06
C VAL F 41 22.14 13.06 11.12
N TYR F 42 22.35 13.58 12.32
CA TYR F 42 22.97 14.89 12.48
C TYR F 42 24.40 14.93 11.92
N LYS F 43 25.19 13.88 12.15
CA LYS F 43 26.56 13.77 11.61
C LYS F 43 26.58 13.74 10.08
N VAL F 44 25.60 13.12 9.45
CA VAL F 44 25.41 13.21 7.99
C VAL F 44 25.02 14.62 7.59
N LEU F 45 24.10 15.27 8.30
CA LEU F 45 23.70 16.63 7.95
C LEU F 45 24.90 17.57 7.95
N LYS F 46 25.73 17.53 9.00
CA LYS F 46 26.96 18.34 9.04
C LYS F 46 28.00 17.94 8.00
N GLN F 47 27.91 16.76 7.40
CA GLN F 47 28.73 16.38 6.25
C GLN F 47 28.16 16.93 4.93
N VAL F 48 26.83 17.02 4.81
CA VAL F 48 26.12 17.48 3.61
C VAL F 48 26.02 19.01 3.52
N HIS F 49 25.72 19.70 4.61
CA HIS F 49 25.52 21.15 4.69
C HIS F 49 26.05 21.69 6.03
N PRO F 50 27.37 21.91 6.16
CA PRO F 50 28.01 22.19 7.45
C PRO F 50 27.40 23.32 8.27
N ASP F 51 26.82 24.33 7.64
CA ASP F 51 26.17 25.46 8.31
C ASP F 51 24.83 25.08 8.97
N THR F 52 24.12 24.11 8.40
CA THR F 52 22.69 23.88 8.60
C THR F 52 22.38 23.20 9.93
N GLY F 53 21.21 23.47 10.50
CA GLY F 53 20.73 22.86 11.75
C GLY F 53 19.40 22.15 11.55
N ILE F 54 18.94 21.35 12.52
CA ILE F 54 17.75 20.50 12.35
C ILE F 54 16.91 20.39 13.62
N SER F 55 15.60 20.58 13.50
CA SER F 55 14.67 20.52 14.63
C SER F 55 14.49 19.11 15.17
N SER F 56 14.24 18.97 16.47
CA SER F 56 13.92 17.70 17.10
C SER F 56 12.70 17.01 16.48
N LYS F 57 11.74 17.76 15.92
CA LYS F 57 10.64 17.16 15.14
C LYS F 57 11.15 16.50 13.86
N ALA F 58 12.07 17.15 13.16
CA ALA F 58 12.69 16.56 11.99
C ALA F 58 13.55 15.35 12.38
N MET F 59 14.22 15.36 13.54
CA MET F 59 14.91 14.16 14.04
C MET F 59 13.95 13.01 14.34
N GLY F 60 12.76 13.30 14.86
CA GLY F 60 11.69 12.30 14.99
C GLY F 60 11.33 11.72 13.62
N ILE F 61 11.16 12.57 12.61
CA ILE F 61 10.89 12.10 11.26
C ILE F 61 12.04 11.26 10.75
N MET F 62 13.28 11.74 10.77
CA MET F 62 14.43 10.97 10.29
C MET F 62 14.60 9.64 11.00
N ASN F 63 14.40 9.57 12.31
CA ASN F 63 14.39 8.29 12.99
C ASN F 63 13.30 7.39 12.40
N SER F 64 12.06 7.86 12.36
CA SER F 64 10.98 7.01 11.89
C SER F 64 11.15 6.63 10.42
N PHE F 65 11.71 7.50 9.59
CA PHE F 65 12.00 7.23 8.20
C PHE F 65 13.08 6.17 8.04
N VAL F 66 14.19 6.28 8.75
CA VAL F 66 15.23 5.25 8.72
C VAL F 66 14.68 3.93 9.25
N ASN F 67 13.97 3.92 10.37
CA ASN F 67 13.39 2.70 10.90
C ASN F 67 12.38 2.08 9.93
N ASP F 68 11.58 2.90 9.24
CA ASP F 68 10.65 2.37 8.26
C ASP F 68 11.37 1.78 7.05
N ILE F 69 12.33 2.50 6.45
CA ILE F 69 13.10 1.97 5.32
C ILE F 69 13.82 0.68 5.72
N PHE F 70 14.40 0.65 6.91
CA PHE F 70 15.09 -0.51 7.42
C PHE F 70 14.15 -1.72 7.55
N GLU F 71 12.99 -1.56 8.19
CA GLU F 71 12.03 -2.65 8.31
C GLU F 71 11.50 -3.08 6.94
N ARG F 72 11.38 -2.16 5.99
CA ARG F 72 10.97 -2.47 4.63
C ARG F 72 12.02 -3.33 3.93
N ILE F 73 13.28 -2.91 3.91
CA ILE F 73 14.36 -3.63 3.22
C ILE F 73 14.66 -4.97 3.89
N ALA F 74 14.85 -5.02 5.19
CA ALA F 74 15.08 -6.30 5.85
C ALA F 74 13.88 -7.22 5.68
N GLY F 75 12.65 -6.68 5.74
CA GLY F 75 11.43 -7.43 5.48
C GLY F 75 11.46 -8.09 4.12
N GLU F 76 11.75 -7.34 3.06
CA GLU F 76 11.84 -7.90 1.72
C GLU F 76 13.02 -8.88 1.57
N ALA F 77 14.17 -8.59 2.16
CA ALA F 77 15.29 -9.51 2.14
C ALA F 77 14.93 -10.85 2.78
N SER F 78 14.19 -10.86 3.89
CA SER F 78 13.78 -12.12 4.52
C SER F 78 12.88 -12.94 3.62
N ARG F 79 11.96 -12.30 2.89
CA ARG F 79 11.10 -12.99 1.93
C ARG F 79 11.91 -13.55 0.78
N LEU F 80 12.88 -12.79 0.30
CA LEU F 80 13.75 -13.23 -0.77
C LEU F 80 14.59 -14.45 -0.36
N ALA F 81 15.11 -14.48 0.87
CA ALA F 81 15.78 -15.67 1.38
C ALA F 81 14.84 -16.88 1.42
N HIS F 82 13.62 -16.73 1.94
CA HIS F 82 12.63 -17.82 1.93
C HIS F 82 12.32 -18.32 0.53
N TYR F 83 12.15 -17.43 -0.45
CA TYR F 83 11.84 -17.87 -1.80
C TYR F 83 12.95 -18.74 -2.39
N ASN F 84 14.21 -18.52 -2.02
CA ASN F 84 15.32 -19.37 -2.44
C ASN F 84 15.59 -20.54 -1.49
N LYS F 85 14.82 -20.68 -0.40
CA LYS F 85 15.07 -21.61 0.70
C LYS F 85 16.48 -21.52 1.29
N ARG F 86 17.11 -20.34 1.23
CA ARG F 86 18.35 -20.05 1.96
C ARG F 86 18.05 -19.72 3.42
N SER F 87 19.03 -19.88 4.30
CA SER F 87 19.00 -19.26 5.61
C SER F 87 19.55 -17.83 5.55
N THR F 88 20.79 -17.66 5.09
CA THR F 88 21.59 -16.45 5.26
C THR F 88 21.05 -15.21 4.54
N ILE F 89 20.97 -14.08 5.24
CA ILE F 89 20.88 -12.75 4.61
C ILE F 89 22.27 -12.33 4.17
N THR F 90 22.74 -12.77 3.01
CA THR F 90 24.03 -12.30 2.46
C THR F 90 23.88 -10.90 1.87
N SER F 91 24.98 -10.26 1.47
CA SER F 91 24.90 -8.94 0.82
C SER F 91 24.09 -8.96 -0.48
N ARG F 92 24.07 -10.07 -1.21
CA ARG F 92 23.24 -10.20 -2.43
C ARG F 92 21.76 -10.04 -2.11
N GLU F 93 21.29 -10.60 -0.99
CA GLU F 93 19.89 -10.49 -0.57
C GLU F 93 19.49 -9.04 -0.36
N ILE F 94 20.37 -8.23 0.23
CA ILE F 94 20.11 -6.81 0.39
C ILE F 94 20.12 -6.11 -0.97
N GLN F 95 21.07 -6.42 -1.87
CA GLN F 95 21.12 -5.78 -3.19
C GLN F 95 19.79 -5.94 -3.93
N THR F 96 19.24 -7.15 -4.00
CA THR F 96 17.95 -7.31 -4.68
C THR F 96 16.81 -6.66 -3.93
N ALA F 97 16.75 -6.76 -2.61
CA ALA F 97 15.70 -6.07 -1.87
C ALA F 97 15.75 -4.56 -2.10
N VAL F 98 16.94 -3.97 -2.22
CA VAL F 98 17.12 -2.56 -2.51
C VAL F 98 16.65 -2.23 -3.93
N ARG F 99 17.05 -2.97 -4.97
CA ARG F 99 16.56 -2.66 -6.32
C ARG F 99 15.10 -3.08 -6.59
N LEU F 100 14.45 -3.78 -5.67
CA LEU F 100 13.00 -3.97 -5.67
C LEU F 100 12.26 -2.80 -5.01
N LEU F 101 12.69 -2.38 -3.82
CA LEU F 101 11.93 -1.41 -3.03
C LEU F 101 12.15 0.02 -3.48
N LEU F 102 13.39 0.43 -3.76
CA LEU F 102 13.65 1.77 -4.24
C LEU F 102 13.24 1.90 -5.71
N PRO F 103 12.61 3.00 -6.12
CA PRO F 103 12.22 3.22 -7.50
C PRO F 103 13.40 3.68 -8.37
N GLY F 104 13.25 3.57 -9.69
CA GLY F 104 13.93 4.42 -10.66
C GLY F 104 15.45 4.47 -10.56
N GLU F 105 16.05 5.63 -10.84
CA GLU F 105 17.49 5.83 -10.79
C GLU F 105 18.01 5.90 -9.35
N LEU F 106 17.17 6.28 -8.39
CA LEU F 106 17.47 6.17 -6.97
C LEU F 106 17.90 4.76 -6.58
N ALA F 107 17.29 3.72 -7.15
CA ALA F 107 17.74 2.36 -6.93
C ALA F 107 19.20 2.16 -7.39
N LYS F 108 19.55 2.62 -8.58
CA LYS F 108 20.91 2.50 -9.10
C LYS F 108 21.90 3.25 -8.21
N HIS F 109 21.58 4.45 -7.76
CA HIS F 109 22.50 5.20 -6.90
C HIS F 109 22.67 4.54 -5.54
N ALA F 110 21.60 4.03 -4.94
CA ALA F 110 21.73 3.29 -3.69
C ALA F 110 22.61 2.05 -3.84
N VAL F 111 22.38 1.22 -4.85
CA VAL F 111 23.22 0.05 -5.14
C VAL F 111 24.67 0.46 -5.38
N SER F 112 24.90 1.57 -6.08
CA SER F 112 26.25 2.09 -6.28
C SER F 112 26.91 2.43 -4.95
N GLU F 113 26.19 3.06 -4.02
CA GLU F 113 26.74 3.35 -2.70
C GLU F 113 27.02 2.06 -1.91
N GLY F 114 26.11 1.09 -1.96
CA GLY F 114 26.29 -0.18 -1.26
C GLY F 114 27.51 -0.94 -1.76
N THR F 115 27.64 -1.10 -3.08
CA THR F 115 28.78 -1.81 -3.66
C THR F 115 30.10 -1.08 -3.44
N LYS F 116 30.12 0.26 -3.44
CA LYS F 116 31.29 1.04 -3.02
C LYS F 116 31.63 0.75 -1.55
N ALA F 117 30.63 0.77 -0.67
CA ALA F 117 30.85 0.54 0.74
C ALA F 117 31.41 -0.86 1.04
N VAL F 118 30.77 -1.91 0.53
CA VAL F 118 31.28 -3.26 0.74
C VAL F 118 32.67 -3.40 0.12
N THR F 119 32.94 -2.77 -1.01
CA THR F 119 34.29 -2.73 -1.59
C THR F 119 35.31 -2.11 -0.63
N LYS F 120 34.99 -0.97 0.02
CA LYS F 120 35.87 -0.41 1.06
C LYS F 120 36.08 -1.39 2.19
N TYR F 121 35.00 -1.94 2.75
CA TYR F 121 35.08 -2.84 3.90
C TYR F 121 35.92 -4.09 3.62
N THR F 122 35.64 -4.80 2.53
CA THR F 122 36.41 -5.99 2.16
C THR F 122 37.85 -5.67 1.74
N SER F 123 38.12 -4.47 1.23
CA SER F 123 39.49 -4.00 0.95
C SER F 123 40.26 -3.55 2.20
N SER F 124 39.58 -3.23 3.29
CA SER F 124 40.22 -2.81 4.54
C SER F 124 40.64 -3.99 5.43
N LYS F 125 40.00 -5.15 5.30
CA LYS F 125 40.19 -6.35 6.15
C LYS F 125 40.03 -6.03 7.64
N LYS G 38 -9.45 48.18 2.65
CA LYS G 38 -9.22 48.78 1.33
C LYS G 38 -10.50 48.77 0.47
N PRO G 39 -10.96 47.67 -0.16
CA PRO G 39 -12.21 47.66 -0.95
C PRO G 39 -13.46 47.52 -0.06
N HIS G 40 -14.64 47.43 -0.69
CA HIS G 40 -15.88 46.96 -0.07
C HIS G 40 -16.55 45.86 -0.92
N ARG G 41 -17.27 44.93 -0.28
CA ARG G 41 -17.86 43.69 -0.83
C ARG G 41 -16.91 42.66 -1.48
N TYR G 42 -15.76 43.06 -2.00
CA TYR G 42 -14.79 42.20 -2.72
C TYR G 42 -15.36 41.52 -3.99
N ARG G 43 -14.49 40.82 -4.73
CA ARG G 43 -14.86 39.94 -5.86
C ARG G 43 -14.85 38.47 -5.42
N PRO G 44 -16.00 37.78 -5.29
CA PRO G 44 -16.08 36.38 -4.91
C PRO G 44 -15.22 35.44 -5.76
N GLY G 45 -14.73 34.37 -5.13
CA GLY G 45 -13.73 33.47 -5.67
C GLY G 45 -12.30 33.94 -5.41
N THR G 46 -12.06 35.25 -5.32
CA THR G 46 -10.70 35.77 -5.06
C THR G 46 -10.26 35.43 -3.65
N VAL G 47 -11.14 35.56 -2.65
CA VAL G 47 -10.79 35.25 -1.26
C VAL G 47 -10.64 33.74 -1.07
N ALA G 48 -11.36 32.92 -1.84
CA ALA G 48 -11.08 31.49 -1.88
C ALA G 48 -9.66 31.21 -2.40
N LEU G 49 -9.23 31.80 -3.50
CA LEU G 49 -7.86 31.58 -3.99
C LEU G 49 -6.81 32.06 -2.99
N ARG G 50 -7.04 33.21 -2.35
CA ARG G 50 -6.15 33.69 -1.28
C ARG G 50 -6.13 32.71 -0.10
N GLU G 51 -7.27 32.16 0.32
CA GLU G 51 -7.29 31.09 1.32
C GLU G 51 -6.48 29.88 0.89
N ILE G 52 -6.59 29.42 -0.36
CA ILE G 52 -5.83 28.24 -0.80
C ILE G 52 -4.35 28.49 -0.61
N ARG G 53 -3.85 29.65 -1.06
CA ARG G 53 -2.44 29.99 -0.89
C ARG G 53 -2.05 30.01 0.57
N ARG G 54 -2.84 30.65 1.44
CA ARG G 54 -2.52 30.76 2.86
C ARG G 54 -2.52 29.41 3.57
N TYR G 55 -3.51 28.56 3.32
CA TYR G 55 -3.62 27.25 3.98
C TYR G 55 -2.76 26.15 3.33
N GLN G 56 -2.22 26.35 2.13
CA GLN G 56 -1.16 25.50 1.61
C GLN G 56 0.22 25.95 2.06
N LYS G 57 0.47 27.26 2.22
CA LYS G 57 1.79 27.78 2.64
C LYS G 57 2.13 27.43 4.10
N SER G 58 1.12 27.19 4.94
CA SER G 58 1.27 26.99 6.39
C SER G 58 0.76 25.62 6.83
N THR G 59 1.35 25.04 7.89
CA THR G 59 1.14 23.63 8.28
C THR G 59 0.44 23.42 9.61
N GLU G 60 -0.14 24.46 10.20
CA GLU G 60 -0.95 24.35 11.42
C GLU G 60 -2.11 23.35 11.27
N LEU G 61 -2.54 22.71 12.36
CA LEU G 61 -3.73 21.88 12.39
C LEU G 61 -5.01 22.69 12.17
N LEU G 62 -5.80 22.35 11.15
CA LEU G 62 -7.03 23.08 10.84
C LEU G 62 -8.14 22.80 11.85
N ILE G 63 -8.26 21.58 12.36
CA ILE G 63 -9.28 21.23 13.35
C ILE G 63 -8.83 21.76 14.71
N ARG G 64 -9.68 22.49 15.42
CA ARG G 64 -9.32 22.98 16.77
C ARG G 64 -9.07 21.80 17.69
N LYS G 65 -8.03 21.86 18.52
CA LYS G 65 -7.50 20.66 19.19
C LYS G 65 -8.52 20.05 20.13
N LEU G 66 -9.15 20.84 21.00
CA LEU G 66 -10.02 20.30 22.03
C LEU G 66 -11.27 19.61 21.47
N PRO G 67 -11.98 20.13 20.46
CA PRO G 67 -13.04 19.39 19.80
C PRO G 67 -12.60 18.03 19.28
N PHE G 68 -11.42 17.90 18.70
CA PHE G 68 -10.92 16.61 18.24
C PHE G 68 -10.52 15.70 19.40
N GLN G 69 -9.81 16.24 20.39
CA GLN G 69 -9.46 15.58 21.64
C GLN G 69 -10.69 15.02 22.36
N ARG G 70 -11.83 15.70 22.22
CA ARG G 70 -13.11 15.27 22.79
C ARG G 70 -13.84 14.30 21.87
N LEU G 71 -13.74 14.45 20.55
CA LEU G 71 -14.30 13.51 19.57
C LEU G 71 -13.69 12.11 19.72
N VAL G 72 -12.38 11.98 19.80
CA VAL G 72 -11.74 10.65 19.83
C VAL G 72 -12.28 9.79 20.96
N ARG G 73 -12.56 10.37 22.13
CA ARG G 73 -13.12 9.61 23.25
C ARG G 73 -14.54 9.10 22.99
N GLU G 74 -15.37 9.75 22.18
CA GLU G 74 -16.63 9.11 21.79
C GLU G 74 -16.38 7.86 20.95
N ILE G 75 -15.47 7.88 19.98
CA ILE G 75 -15.19 6.69 19.17
C ILE G 75 -14.59 5.59 20.06
N ALA G 76 -13.89 5.93 21.15
CA ALA G 76 -13.36 4.95 22.09
C ALA G 76 -14.44 4.24 22.93
N GLN G 77 -15.44 4.96 23.46
CA GLN G 77 -16.41 4.37 24.39
C GLN G 77 -17.17 3.18 23.78
N ASP G 78 -17.40 3.20 22.47
CA ASP G 78 -18.10 2.13 21.76
C ASP G 78 -17.29 0.82 21.66
N PHE G 79 -16.01 0.77 22.07
CA PHE G 79 -15.21 -0.46 22.02
C PHE G 79 -14.33 -0.75 23.23
N LYS G 80 -13.98 0.23 24.06
CA LYS G 80 -13.44 -0.04 25.40
C LYS G 80 -13.72 1.12 26.34
N THR G 81 -14.36 0.84 27.47
CA THR G 81 -14.71 1.86 28.46
C THR G 81 -13.47 2.42 29.15
N ASP G 82 -13.52 3.67 29.60
CA ASP G 82 -12.52 4.33 30.45
C ASP G 82 -11.08 4.32 29.93
N LEU G 83 -10.87 4.24 28.62
CA LEU G 83 -9.53 4.39 28.04
C LEU G 83 -8.92 5.74 28.39
N ARG G 84 -7.59 5.74 28.37
CA ARG G 84 -6.72 6.87 28.70
C ARG G 84 -5.82 7.11 27.51
N PHE G 85 -5.68 8.33 26.99
CA PHE G 85 -4.91 8.58 25.77
C PHE G 85 -3.62 9.35 26.05
N GLN G 86 -2.49 8.86 25.57
CA GLN G 86 -1.25 9.63 25.64
C GLN G 86 -1.37 10.97 24.89
N SER G 87 -0.76 12.01 25.42
CA SER G 87 -0.85 13.37 24.90
C SER G 87 -0.38 13.47 23.45
N SER G 88 0.61 12.65 23.08
CA SER G 88 1.04 12.54 21.69
C SER G 88 0.00 11.82 20.83
N ALA G 89 -0.53 10.69 21.30
CA ALA G 89 -1.30 9.78 20.46
C ALA G 89 -2.57 10.44 19.91
N VAL G 90 -3.33 11.10 20.75
CA VAL G 90 -4.54 11.80 20.32
C VAL G 90 -4.21 12.88 19.29
N MET G 91 -3.02 13.48 19.34
CA MET G 91 -2.59 14.43 18.32
C MET G 91 -2.05 13.74 17.07
N ALA G 92 -1.42 12.58 17.20
CA ALA G 92 -1.00 11.78 16.06
C ALA G 92 -2.22 11.30 15.27
N LEU G 93 -3.31 10.96 15.94
CA LEU G 93 -4.57 10.71 15.26
C LEU G 93 -5.04 11.94 14.49
N GLN G 94 -4.87 13.13 15.04
CA GLN G 94 -5.27 14.33 14.33
C GLN G 94 -4.41 14.57 13.09
N GLU G 95 -3.09 14.41 13.20
CA GLU G 95 -2.20 14.52 12.05
C GLU G 95 -2.54 13.50 10.96
N ALA G 96 -2.92 12.27 11.33
CA ALA G 96 -3.39 11.29 10.37
C ALA G 96 -4.74 11.69 9.76
N CYS G 97 -5.69 12.18 10.56
CA CYS G 97 -6.98 12.62 10.03
C CYS G 97 -6.83 13.77 9.06
N GLU G 98 -6.13 14.82 9.42
CA GLU G 98 -6.01 15.95 8.52
C GLU G 98 -5.22 15.59 7.27
N ALA G 99 -4.18 14.75 7.37
CA ALA G 99 -3.51 14.24 6.19
C ALA G 99 -4.42 13.35 5.33
N TYR G 100 -5.35 12.61 5.93
CA TYR G 100 -6.31 11.82 5.18
C TYR G 100 -7.35 12.71 4.49
N LEU G 101 -7.97 13.65 5.21
CA LEU G 101 -8.98 14.53 4.64
C LEU G 101 -8.40 15.45 3.56
N VAL G 102 -7.23 16.04 3.76
CA VAL G 102 -6.56 16.78 2.69
C VAL G 102 -6.36 15.84 1.50
N GLY G 103 -5.80 14.68 1.75
CA GLY G 103 -5.61 13.62 0.76
C GLY G 103 -6.89 12.96 0.28
N LEU G 104 -8.07 13.53 0.55
CA LEU G 104 -9.33 13.16 -0.05
C LEU G 104 -9.92 14.35 -0.80
N PHE G 105 -9.96 15.53 -0.18
CA PHE G 105 -10.41 16.71 -0.88
C PHE G 105 -9.55 16.99 -2.10
N GLU G 106 -8.24 16.77 -2.03
CA GLU G 106 -7.34 16.91 -3.17
C GLU G 106 -7.71 16.00 -4.36
N ASP G 107 -8.29 14.81 -4.12
CA ASP G 107 -8.81 13.96 -5.19
C ASP G 107 -10.25 14.31 -5.58
N THR G 108 -11.03 14.77 -4.62
CA THR G 108 -12.43 15.18 -4.84
C THR G 108 -12.47 16.37 -5.78
N ASN G 109 -11.62 17.35 -5.53
CA ASN G 109 -11.42 18.51 -6.38
C ASN G 109 -11.19 18.07 -7.82
N LEU G 110 -10.35 17.05 -8.00
CA LEU G 110 -10.00 16.55 -9.31
C LEU G 110 -11.19 15.90 -10.01
N CYS G 111 -12.05 15.17 -9.26
CA CYS G 111 -13.30 14.68 -9.82
C CYS G 111 -14.25 15.81 -10.22
N ALA G 112 -14.36 16.86 -9.42
CA ALA G 112 -15.23 17.98 -9.76
C ALA G 112 -14.76 18.68 -11.05
N ILE G 113 -13.46 18.96 -11.16
CA ILE G 113 -12.87 19.59 -12.35
C ILE G 113 -13.12 18.72 -13.57
N HIS G 114 -12.88 17.41 -13.45
CA HIS G 114 -13.15 16.46 -14.52
C HIS G 114 -14.63 16.46 -14.90
N ALA G 115 -15.53 16.56 -13.93
CA ALA G 115 -16.97 16.65 -14.13
C ALA G 115 -17.47 18.04 -14.55
N LYS G 116 -16.62 18.89 -15.15
CA LYS G 116 -17.01 20.22 -15.67
C LYS G 116 -17.61 21.15 -14.60
N ARG G 117 -17.15 21.03 -13.35
CA ARG G 117 -17.51 21.89 -12.22
C ARG G 117 -16.26 22.46 -11.56
N VAL G 118 -16.41 23.55 -10.83
CA VAL G 118 -15.40 24.06 -9.89
C VAL G 118 -15.80 23.87 -8.43
N THR G 119 -17.01 23.36 -8.18
CA THR G 119 -17.60 23.16 -6.85
C THR G 119 -17.64 21.68 -6.47
N ILE G 120 -17.09 21.27 -5.34
CA ILE G 120 -17.20 19.88 -4.88
C ILE G 120 -18.56 19.58 -4.25
N MET G 121 -19.05 18.34 -4.36
CA MET G 121 -20.35 17.88 -3.87
C MET G 121 -20.28 16.44 -3.36
N PRO G 122 -21.20 15.98 -2.50
CA PRO G 122 -21.14 14.62 -1.96
C PRO G 122 -21.03 13.55 -3.04
N LYS G 123 -21.68 13.74 -4.19
CA LYS G 123 -21.57 12.82 -5.33
C LYS G 123 -20.14 12.68 -5.88
N ASP G 124 -19.26 13.65 -5.66
CA ASP G 124 -17.82 13.50 -5.89
C ASP G 124 -17.14 12.66 -4.82
N ILE G 125 -17.40 12.94 -3.54
CA ILE G 125 -16.76 12.21 -2.42
C ILE G 125 -17.06 10.71 -2.49
N GLN G 126 -18.32 10.33 -2.70
CA GLN G 126 -18.66 8.91 -2.81
C GLN G 126 -17.87 8.24 -3.94
N LEU G 127 -17.68 8.95 -5.06
CA LEU G 127 -16.94 8.43 -6.21
C LEU G 127 -15.45 8.27 -5.92
N ALA G 128 -14.81 9.29 -5.34
CA ALA G 128 -13.40 9.23 -5.03
C ALA G 128 -13.08 8.04 -4.12
N ARG G 129 -13.91 7.84 -3.09
CA ARG G 129 -13.84 6.65 -2.26
C ARG G 129 -13.94 5.35 -3.06
N ARG G 130 -14.99 5.16 -3.86
CA ARG G 130 -15.16 3.91 -4.62
C ARG G 130 -14.00 3.66 -5.56
N ILE G 131 -13.43 4.67 -6.18
CA ILE G 131 -12.30 4.49 -7.10
C ILE G 131 -11.02 4.13 -6.34
N ARG G 132 -10.82 4.70 -5.14
CA ARG G 132 -9.69 4.32 -4.26
C ARG G 132 -9.79 2.91 -3.69
N GLY G 133 -10.96 2.27 -3.77
CA GLY G 133 -11.27 1.03 -3.06
C GLY G 133 -11.55 1.22 -1.56
N GLU G 134 -11.75 2.46 -1.11
CA GLU G 134 -12.05 2.77 0.29
C GLU G 134 -13.57 2.80 0.50
N ARG G 135 -14.16 1.64 0.86
CA ARG G 135 -15.62 1.36 0.92
C ARG G 135 -16.30 1.21 -0.45
N ALA G 136 -17.21 0.24 -0.52
CA ALA G 136 -18.04 -0.14 -1.69
C ALA G 136 -17.23 -0.50 -2.95
N ASP H 24 -22.91 13.31 21.44
CA ASP H 24 -22.54 13.98 20.17
C ASP H 24 -21.44 15.00 20.41
N ASN H 25 -20.22 14.67 20.00
CA ASN H 25 -19.13 15.62 19.83
C ASN H 25 -18.70 15.77 18.37
N ILE H 26 -19.22 14.96 17.44
CA ILE H 26 -18.85 15.03 16.02
C ILE H 26 -19.31 16.33 15.36
N GLN H 27 -20.43 16.93 15.78
CA GLN H 27 -20.83 18.26 15.33
C GLN H 27 -19.88 19.38 15.78
N GLY H 28 -18.89 19.06 16.62
CA GLY H 28 -17.80 19.96 16.97
C GLY H 28 -16.73 20.10 15.88
N ILE H 29 -16.72 19.26 14.84
CA ILE H 29 -15.89 19.48 13.66
C ILE H 29 -16.54 20.57 12.80
N THR H 30 -16.11 21.80 13.04
CA THR H 30 -16.87 22.99 12.63
C THR H 30 -16.93 23.15 11.12
N LYS H 31 -17.95 23.83 10.62
CA LYS H 31 -18.04 24.17 9.20
C LYS H 31 -16.78 24.92 8.73
N PRO H 32 -16.30 25.97 9.40
CA PRO H 32 -15.02 26.58 9.08
C PRO H 32 -13.84 25.61 9.07
N ALA H 33 -13.76 24.66 10.01
CA ALA H 33 -12.66 23.72 10.01
C ALA H 33 -12.67 22.87 8.75
N ILE H 34 -13.82 22.38 8.30
CA ILE H 34 -13.90 21.64 7.04
C ILE H 34 -13.63 22.56 5.84
N ARG H 35 -14.03 23.84 5.85
CA ARG H 35 -13.60 24.78 4.79
C ARG H 35 -12.09 24.79 4.72
N ARG H 36 -11.40 25.06 5.82
CA ARG H 36 -9.93 25.12 5.83
C ARG H 36 -9.34 23.80 5.38
N LEU H 37 -9.79 22.71 5.99
CA LEU H 37 -9.25 21.39 5.77
C LEU H 37 -9.43 20.92 4.32
N ALA H 38 -10.45 21.41 3.62
CA ALA H 38 -10.59 21.22 2.19
C ALA H 38 -9.81 22.25 1.37
N ARG H 39 -9.77 23.52 1.80
CA ARG H 39 -9.02 24.59 1.11
C ARG H 39 -7.54 24.28 1.06
N ARG H 40 -6.96 23.59 2.04
CA ARG H 40 -5.61 23.05 1.94
C ARG H 40 -5.50 22.06 0.78
N GLY H 41 -6.50 21.22 0.57
CA GLY H 41 -6.61 20.36 -0.61
C GLY H 41 -6.90 21.11 -1.93
N GLY H 42 -7.12 22.42 -1.90
CA GLY H 42 -7.18 23.26 -3.10
C GLY H 42 -8.56 23.39 -3.76
N VAL H 43 -9.66 22.99 -3.11
CA VAL H 43 -11.01 23.19 -3.69
C VAL H 43 -11.39 24.66 -3.74
N LYS H 44 -11.81 25.15 -4.91
CA LYS H 44 -12.17 26.57 -5.06
C LYS H 44 -13.51 26.88 -4.40
N ARG H 45 -14.52 26.02 -4.51
CA ARG H 45 -15.87 26.29 -3.98
C ARG H 45 -16.47 25.05 -3.31
N ILE H 46 -17.03 25.19 -2.12
CA ILE H 46 -17.70 24.09 -1.41
C ILE H 46 -19.18 24.03 -1.79
N SER H 47 -19.88 22.92 -1.50
CA SER H 47 -21.34 22.88 -1.51
C SER H 47 -21.85 22.45 -0.14
N GLY H 48 -23.00 22.96 0.27
CA GLY H 48 -23.41 22.97 1.68
C GLY H 48 -23.60 21.58 2.28
N LEU H 49 -23.85 20.57 1.45
CA LEU H 49 -23.99 19.19 1.90
C LEU H 49 -22.67 18.58 2.36
N ILE H 50 -21.54 19.06 1.85
CA ILE H 50 -20.20 18.54 2.20
C ILE H 50 -19.93 18.69 3.69
N TYR H 51 -20.30 19.81 4.30
CA TYR H 51 -19.98 20.09 5.69
C TYR H 51 -20.54 19.02 6.63
N GLU H 52 -21.73 18.49 6.36
CA GLU H 52 -22.23 17.35 7.12
C GLU H 52 -21.63 16.05 6.63
N GLU H 53 -21.68 15.76 5.34
CA GLU H 53 -21.33 14.42 4.86
C GLU H 53 -19.88 14.05 5.20
N THR H 54 -18.97 15.02 5.17
CA THR H 54 -17.56 14.84 5.54
C THR H 54 -17.41 14.26 6.94
N ARG H 55 -18.28 14.61 7.87
CA ARG H 55 -18.20 14.10 9.24
C ARG H 55 -18.35 12.59 9.28
N GLY H 56 -19.19 12.02 8.42
CA GLY H 56 -19.29 10.57 8.28
C GLY H 56 -17.97 9.96 7.83
N VAL H 57 -17.29 10.58 6.86
CA VAL H 57 -16.00 10.11 6.37
C VAL H 57 -14.91 10.20 7.42
N LEU H 58 -14.84 11.29 8.15
CA LEU H 58 -13.89 11.41 9.25
C LEU H 58 -14.22 10.39 10.33
N LYS H 59 -15.49 10.27 10.73
CA LYS H 59 -15.91 9.33 11.78
C LYS H 59 -15.58 7.90 11.40
N VAL H 60 -15.84 7.47 10.16
CA VAL H 60 -15.52 6.10 9.75
C VAL H 60 -14.02 5.88 9.56
N PHE H 61 -13.22 6.92 9.28
CA PHE H 61 -11.77 6.77 9.31
C PHE H 61 -11.26 6.59 10.73
N LEU H 62 -11.66 7.45 11.66
CA LEU H 62 -11.33 7.28 13.07
C LEU H 62 -11.82 5.94 13.60
N GLU H 63 -13.03 5.52 13.26
CA GLU H 63 -13.58 4.25 13.69
C GLU H 63 -12.82 3.05 13.10
N ASN H 64 -11.95 3.23 12.10
CA ASN H 64 -10.98 2.20 11.77
C ASN H 64 -9.76 2.31 12.68
N VAL H 65 -9.02 3.43 12.68
CA VAL H 65 -7.75 3.47 13.40
C VAL H 65 -7.89 3.30 14.90
N ILE H 66 -8.95 3.79 15.52
CA ILE H 66 -9.15 3.59 16.95
C ILE H 66 -9.30 2.11 17.27
N ARG H 67 -10.13 1.36 16.54
CA ARG H 67 -10.35 -0.06 16.87
C ARG H 67 -9.09 -0.89 16.69
N ASP H 68 -8.28 -0.58 15.69
CA ASP H 68 -6.97 -1.22 15.56
C ASP H 68 -6.02 -0.77 16.68
N ALA H 69 -5.91 0.52 16.98
CA ALA H 69 -5.01 0.99 18.02
C ALA H 69 -5.37 0.44 19.39
N VAL H 70 -6.65 0.48 19.75
CA VAL H 70 -7.17 -0.13 20.96
C VAL H 70 -6.88 -1.61 20.98
N THR H 71 -6.96 -2.30 19.85
CA THR H 71 -6.60 -3.72 19.80
C THR H 71 -5.14 -3.96 20.11
N TYR H 72 -4.20 -3.19 19.56
CA TYR H 72 -2.80 -3.29 20.01
C TYR H 72 -2.65 -2.98 21.50
N THR H 73 -3.41 -2.00 22.00
CA THR H 73 -3.34 -1.57 23.39
C THR H 73 -3.82 -2.67 24.33
N GLU H 74 -5.00 -3.25 24.09
CA GLU H 74 -5.51 -4.36 24.89
C GLU H 74 -4.58 -5.55 24.83
N HIS H 75 -3.99 -5.83 23.66
CA HIS H 75 -3.02 -6.92 23.55
C HIS H 75 -1.80 -6.70 24.43
N ALA H 76 -1.29 -5.47 24.48
CA ALA H 76 -0.21 -5.12 25.40
C ALA H 76 -0.61 -5.15 26.87
N LYS H 77 -1.89 -5.40 27.19
CA LYS H 77 -2.48 -5.30 28.52
C LYS H 77 -2.38 -3.91 29.14
N ARG H 78 -2.11 -2.88 28.33
CA ARG H 78 -2.18 -1.48 28.74
C ARG H 78 -3.63 -1.07 28.99
N LYS H 79 -3.83 -0.06 29.84
CA LYS H 79 -5.06 0.74 29.87
C LYS H 79 -4.95 1.94 28.94
N THR H 80 -3.75 2.49 28.71
CA THR H 80 -3.60 3.73 27.96
C THR H 80 -3.16 3.52 26.51
N VAL H 81 -3.82 4.18 25.57
CA VAL H 81 -3.43 4.15 24.16
C VAL H 81 -2.21 5.04 23.95
N THR H 82 -1.09 4.45 23.55
CA THR H 82 0.16 5.16 23.33
C THR H 82 0.28 5.71 21.92
N ALA H 83 1.27 6.56 21.67
CA ALA H 83 1.56 6.98 20.30
C ALA H 83 1.88 5.79 19.40
N MET H 84 2.61 4.81 19.92
CA MET H 84 2.89 3.58 19.16
C MET H 84 1.62 2.80 18.85
N ASP H 85 0.67 2.74 19.77
CA ASP H 85 -0.59 2.07 19.50
C ASP H 85 -1.32 2.66 18.30
N VAL H 86 -1.29 3.97 18.08
CA VAL H 86 -1.93 4.56 16.88
C VAL H 86 -1.02 4.54 15.66
N VAL H 87 0.28 4.73 15.81
CA VAL H 87 1.19 4.68 14.65
C VAL H 87 1.25 3.28 14.05
N TYR H 88 1.24 2.24 14.87
CA TYR H 88 1.17 0.87 14.35
C TYR H 88 -0.17 0.60 13.69
N ALA H 89 -1.28 1.11 14.21
CA ALA H 89 -2.55 1.01 13.49
C ALA H 89 -2.46 1.69 12.13
N LEU H 90 -1.90 2.89 12.03
CA LEU H 90 -1.74 3.59 10.76
C LEU H 90 -0.82 2.85 9.79
N LYS H 91 0.27 2.24 10.28
CA LYS H 91 1.15 1.38 9.48
C LYS H 91 0.40 0.15 8.96
N ARG H 92 -0.49 -0.44 9.76
CA ARG H 92 -1.33 -1.56 9.33
C ARG H 92 -2.40 -1.14 8.33
N GLN H 93 -2.99 0.03 8.51
CA GLN H 93 -3.93 0.64 7.56
C GLN H 93 -3.26 1.03 6.24
N GLY H 94 -1.93 0.97 6.15
CA GLY H 94 -1.18 1.33 4.94
C GLY H 94 -1.11 2.83 4.72
N ARG H 95 -1.17 3.64 5.79
CA ARG H 95 -1.09 5.10 5.76
C ARG H 95 -0.09 5.60 6.79
N THR H 96 1.14 5.11 6.69
CA THR H 96 2.20 5.31 7.70
C THR H 96 2.36 6.77 8.10
N LEU H 97 2.54 7.01 9.40
CA LEU H 97 2.76 8.34 9.94
C LEU H 97 4.15 8.39 10.57
N TYR H 98 5.01 9.25 10.06
CA TYR H 98 6.34 9.49 10.63
C TYR H 98 6.27 10.53 11.75
N GLY H 99 7.39 10.77 12.42
CA GLY H 99 7.54 11.88 13.36
C GLY H 99 7.10 11.57 14.79
N PHE H 100 5.93 10.97 15.00
CA PHE H 100 5.57 10.40 16.29
C PHE H 100 6.29 9.06 16.49
N GLY H 101 6.99 8.89 17.60
CA GLY H 101 7.65 7.62 17.93
C GLY H 101 8.59 7.14 16.82
N GLY H 102 8.31 5.97 16.27
CA GLY H 102 9.08 5.34 15.18
C GLY H 102 8.34 4.18 14.54
N ARG I 11 3.69 -46.95 26.95
CA ARG I 11 4.50 -45.74 26.71
C ARG I 11 4.19 -45.06 25.36
N ALA I 12 4.39 -45.74 24.23
CA ALA I 12 4.18 -45.20 22.89
C ALA I 12 2.69 -45.15 22.46
N LYS I 13 2.43 -45.25 21.15
CA LYS I 13 1.17 -45.03 20.43
C LYS I 13 0.67 -43.58 20.53
N ALA I 14 1.02 -42.82 19.50
CA ALA I 14 0.66 -41.42 19.31
C ALA I 14 -0.82 -41.17 18.99
N LYS I 15 -1.23 -39.91 19.13
CA LYS I 15 -2.43 -39.32 18.48
C LYS I 15 -2.09 -37.95 17.88
N THR I 16 -2.52 -37.65 16.66
CA THR I 16 -2.11 -36.41 15.98
C THR I 16 -2.61 -35.19 16.73
N ARG I 17 -1.85 -34.09 16.73
CA ARG I 17 -2.27 -32.88 17.44
C ARG I 17 -3.51 -32.25 16.83
N SER I 18 -3.76 -32.47 15.54
CA SER I 18 -5.06 -32.17 14.93
C SER I 18 -6.21 -32.92 15.59
N SER I 19 -6.08 -34.24 15.78
CA SER I 19 -7.15 -35.02 16.40
C SER I 19 -7.39 -34.64 17.85
N ARG I 20 -6.33 -34.31 18.60
CA ARG I 20 -6.44 -33.83 19.98
C ARG I 20 -7.09 -32.44 20.04
N ALA I 21 -6.79 -31.56 19.09
CA ALA I 21 -7.46 -30.27 18.96
C ALA I 21 -8.92 -30.36 18.50
N GLY I 22 -9.31 -31.44 17.82
CA GLY I 22 -10.63 -31.57 17.20
C GLY I 22 -10.75 -30.83 15.86
N LEU I 23 -9.67 -30.79 15.09
CA LEU I 23 -9.56 -30.09 13.81
C LEU I 23 -9.29 -31.06 12.66
N GLN I 24 -9.74 -30.73 11.45
CA GLN I 24 -9.29 -31.37 10.22
C GLN I 24 -7.96 -30.80 9.73
N PHE I 25 -7.68 -29.52 9.98
CA PHE I 25 -6.42 -28.88 9.58
C PHE I 25 -5.18 -29.42 10.32
N PRO I 26 -3.99 -29.34 9.72
CA PRO I 26 -2.79 -30.03 10.19
C PRO I 26 -2.00 -29.23 11.22
N VAL I 27 -2.22 -29.47 12.51
CA VAL I 27 -1.54 -28.71 13.57
C VAL I 27 -0.02 -28.88 13.49
N GLY I 28 0.47 -30.07 13.16
CA GLY I 28 1.90 -30.32 13.02
C GLY I 28 2.52 -29.42 11.96
N ARG I 29 1.97 -29.47 10.75
CA ARG I 29 2.40 -28.64 9.61
C ARG I 29 2.42 -27.17 9.98
N VAL I 30 1.38 -26.69 10.64
CA VAL I 30 1.31 -25.29 11.05
C VAL I 30 2.38 -24.97 12.08
N HIS I 31 2.65 -25.82 13.06
CA HIS I 31 3.73 -25.57 14.01
C HIS I 31 5.08 -25.55 13.31
N ARG I 32 5.33 -26.52 12.42
CA ARG I 32 6.57 -26.62 11.65
C ARG I 32 6.77 -25.35 10.83
N LEU I 33 5.74 -24.86 10.15
CA LEU I 33 5.81 -23.63 9.38
C LEU I 33 5.99 -22.39 10.25
N LEU I 34 5.30 -22.25 11.39
CA LEU I 34 5.52 -21.10 12.26
C LEU I 34 6.95 -21.07 12.80
N ARG I 35 7.51 -22.22 13.18
CA ARG I 35 8.85 -22.27 13.77
C ARG I 35 9.95 -22.08 12.74
N LYS I 36 9.82 -22.64 11.53
CA LYS I 36 10.80 -22.48 10.44
C LYS I 36 10.64 -21.18 9.65
N GLY I 37 9.49 -20.53 9.70
CA GLY I 37 9.23 -19.29 8.94
C GLY I 37 9.89 -18.02 9.50
N ASN I 38 10.55 -18.09 10.66
CA ASN I 38 11.11 -16.95 11.36
C ASN I 38 10.09 -15.86 11.74
N TYR I 39 8.83 -16.22 11.96
CA TYR I 39 7.86 -15.32 12.58
C TYR I 39 8.19 -15.03 14.05
N SER I 40 8.98 -15.89 14.69
CA SER I 40 9.67 -15.66 15.96
C SER I 40 10.75 -16.71 16.17
N GLU I 41 11.67 -16.47 17.09
CA GLU I 41 12.56 -17.50 17.62
C GLU I 41 11.86 -18.56 18.49
N ARG I 42 10.64 -18.32 18.97
CA ARG I 42 9.86 -19.28 19.78
C ARG I 42 8.37 -19.27 19.42
N VAL I 43 7.71 -20.42 19.34
CA VAL I 43 6.28 -20.54 19.07
C VAL I 43 5.60 -21.31 20.18
N GLY I 44 4.70 -20.69 20.93
CA GLY I 44 4.05 -21.33 22.07
C GLY I 44 3.08 -22.42 21.64
N ALA I 45 2.91 -23.48 22.42
CA ALA I 45 2.19 -24.67 21.98
C ALA I 45 0.71 -24.40 21.63
N GLY I 46 0.09 -23.38 22.21
CA GLY I 46 -1.27 -22.96 21.85
C GLY I 46 -1.37 -22.29 20.49
N ALA I 47 -0.29 -21.68 19.98
CA ALA I 47 -0.30 -20.90 18.74
C ALA I 47 -0.73 -21.71 17.51
N PRO I 48 -0.07 -22.80 17.15
CA PRO I 48 -0.42 -23.51 15.94
C PRO I 48 -1.80 -24.15 16.04
N VAL I 49 -2.23 -24.57 17.23
CA VAL I 49 -3.59 -25.09 17.43
C VAL I 49 -4.59 -24.02 17.06
N TYR I 50 -4.46 -22.84 17.66
CA TYR I 50 -5.39 -21.75 17.42
C TYR I 50 -5.37 -21.32 15.96
N LEU I 51 -4.19 -21.21 15.37
CA LEU I 51 -4.09 -20.79 13.97
C LEU I 51 -4.68 -21.83 13.04
N ALA I 52 -4.44 -23.12 13.29
CA ALA I 52 -5.04 -24.17 12.49
C ALA I 52 -6.56 -24.08 12.52
N ALA I 53 -7.14 -23.81 13.69
CA ALA I 53 -8.57 -23.60 13.79
C ALA I 53 -9.05 -22.41 12.94
N VAL I 54 -8.30 -21.31 12.92
CA VAL I 54 -8.66 -20.13 12.13
C VAL I 54 -8.60 -20.42 10.65
N LEU I 55 -7.53 -21.06 10.17
CA LEU I 55 -7.46 -21.45 8.76
C LEU I 55 -8.61 -22.39 8.41
N GLU I 56 -8.94 -23.34 9.28
CA GLU I 56 -10.06 -24.23 9.03
C GLU I 56 -11.36 -23.46 8.97
N TYR I 57 -11.61 -22.53 9.87
CA TYR I 57 -12.84 -21.76 9.84
C TYR I 57 -12.97 -20.96 8.55
N LEU I 58 -11.95 -20.22 8.15
CA LEU I 58 -12.02 -19.44 6.91
C LEU I 58 -12.14 -20.34 5.70
N THR I 59 -11.45 -21.49 5.70
CA THR I 59 -11.59 -22.48 4.64
C THR I 59 -12.99 -23.05 4.59
N ALA I 60 -13.63 -23.31 5.73
CA ALA I 60 -14.98 -23.80 5.76
C ALA I 60 -15.93 -22.75 5.21
N GLU I 61 -15.78 -21.49 5.62
CA GLU I 61 -16.67 -20.43 5.19
C GLU I 61 -16.62 -20.23 3.68
N ILE I 62 -15.41 -20.11 3.11
CA ILE I 62 -15.25 -19.83 1.69
C ILE I 62 -15.68 -21.03 0.84
N LEU I 63 -15.43 -22.27 1.30
CA LEU I 63 -15.91 -23.45 0.60
C LEU I 63 -17.42 -23.61 0.72
N GLU I 64 -18.03 -23.33 1.87
CA GLU I 64 -19.47 -23.47 2.01
C GLU I 64 -20.19 -22.53 1.03
N LEU I 65 -19.74 -21.27 0.96
CA LEU I 65 -20.29 -20.32 0.00
C LEU I 65 -19.96 -20.72 -1.44
N ALA I 66 -18.76 -21.24 -1.72
CA ALA I 66 -18.47 -21.76 -3.05
C ALA I 66 -19.41 -22.91 -3.41
N GLY I 67 -19.64 -23.84 -2.49
CA GLY I 67 -20.56 -24.96 -2.68
C GLY I 67 -21.95 -24.46 -3.03
N ASN I 68 -22.49 -23.53 -2.24
CA ASN I 68 -23.78 -22.95 -2.54
C ASN I 68 -23.78 -22.25 -3.91
N ALA I 69 -22.75 -21.49 -4.25
CA ALA I 69 -22.67 -20.84 -5.55
C ALA I 69 -22.66 -21.86 -6.70
N ALA I 70 -21.90 -22.94 -6.57
CA ALA I 70 -21.84 -24.00 -7.57
C ALA I 70 -23.18 -24.74 -7.70
N ARG I 71 -23.76 -25.13 -6.57
CA ARG I 71 -25.03 -25.86 -6.50
C ARG I 71 -26.17 -25.02 -7.04
N ASP I 72 -26.22 -23.73 -6.74
CA ASP I 72 -27.19 -22.80 -7.32
C ASP I 72 -26.96 -22.56 -8.82
N ASN I 73 -25.72 -22.65 -9.29
CA ASN I 73 -25.39 -22.71 -10.72
C ASN I 73 -25.55 -24.13 -11.32
N LYS I 74 -26.13 -25.07 -10.56
CA LYS I 74 -26.44 -26.47 -10.95
C LYS I 74 -25.25 -27.33 -11.36
N LYS I 75 -24.04 -27.02 -10.92
CA LYS I 75 -22.84 -27.85 -11.10
C LYS I 75 -22.41 -28.48 -9.77
N THR I 76 -22.08 -29.76 -9.76
CA THR I 76 -21.67 -30.50 -8.55
C THR I 76 -20.20 -30.32 -8.16
N ARG I 77 -19.45 -29.47 -8.87
CA ARG I 77 -18.00 -29.32 -8.72
C ARG I 77 -17.61 -27.85 -8.59
N ILE I 78 -16.71 -27.52 -7.68
CA ILE I 78 -16.12 -26.19 -7.58
C ILE I 78 -15.11 -25.98 -8.71
N ILE I 79 -15.24 -24.87 -9.41
CA ILE I 79 -14.31 -24.32 -10.40
C ILE I 79 -14.07 -22.86 -10.02
N PRO I 80 -12.96 -22.23 -10.40
CA PRO I 80 -12.59 -20.91 -9.90
C PRO I 80 -13.70 -19.87 -9.99
N ARG I 81 -14.55 -19.96 -11.01
CA ARG I 81 -15.77 -19.16 -11.13
C ARG I 81 -16.66 -19.21 -9.89
N HIS I 82 -16.94 -20.41 -9.37
CA HIS I 82 -17.75 -20.58 -8.17
C HIS I 82 -17.06 -20.09 -6.91
N LEU I 83 -15.72 -20.05 -6.87
CA LEU I 83 -15.00 -19.36 -5.79
C LEU I 83 -15.15 -17.85 -5.93
N GLN I 84 -14.84 -17.27 -7.08
CA GLN I 84 -14.96 -15.82 -7.29
C GLN I 84 -16.39 -15.32 -7.01
N LEU I 85 -17.42 -16.05 -7.44
CA LEU I 85 -18.80 -15.72 -7.10
C LEU I 85 -19.14 -15.94 -5.62
N ALA I 86 -18.36 -16.69 -4.85
CA ALA I 86 -18.54 -16.79 -3.41
C ALA I 86 -17.84 -15.65 -2.65
N ILE I 87 -16.63 -15.23 -3.06
CA ILE I 87 -16.01 -14.07 -2.43
C ILE I 87 -16.84 -12.81 -2.68
N ARG I 88 -17.13 -12.45 -3.94
CA ARG I 88 -17.69 -11.13 -4.24
C ARG I 88 -19.13 -10.94 -3.76
N ASN I 89 -19.91 -12.01 -3.62
CA ASN I 89 -21.27 -11.95 -3.07
C ASN I 89 -21.32 -11.91 -1.54
N ASP I 90 -20.18 -11.91 -0.83
CA ASP I 90 -20.15 -11.73 0.62
C ASP I 90 -19.46 -10.40 1.01
N GLU I 91 -20.20 -9.52 1.68
CA GLU I 91 -19.69 -8.25 2.16
C GLU I 91 -18.55 -8.38 3.18
N GLU I 92 -18.37 -9.53 3.83
CA GLU I 92 -17.22 -9.77 4.70
C GLU I 92 -16.01 -10.30 3.92
N LEU I 93 -16.10 -11.46 3.26
CA LEU I 93 -14.95 -11.97 2.52
C LEU I 93 -14.47 -11.00 1.45
N ASN I 94 -15.35 -10.22 0.80
CA ASN I 94 -14.85 -9.24 -0.15
C ASN I 94 -13.98 -8.15 0.49
N LYS I 95 -14.08 -7.89 1.79
CA LYS I 95 -13.13 -7.02 2.49
C LYS I 95 -11.82 -7.74 2.79
N LEU I 96 -11.90 -8.99 3.23
CA LEU I 96 -10.71 -9.81 3.51
C LEU I 96 -9.85 -10.04 2.26
N LEU I 97 -10.50 -10.24 1.12
CA LEU I 97 -9.86 -10.51 -0.18
C LEU I 97 -10.00 -9.31 -1.15
N GLY I 98 -10.02 -8.09 -0.62
CA GLY I 98 -10.33 -6.89 -1.41
C GLY I 98 -9.36 -6.57 -2.56
N ARG I 99 -8.16 -7.17 -2.53
CA ARG I 99 -7.14 -7.06 -3.57
C ARG I 99 -6.45 -8.38 -3.85
N VAL I 100 -7.27 -9.41 -4.11
CA VAL I 100 -6.81 -10.68 -4.69
C VAL I 100 -7.45 -10.88 -6.04
N THR I 101 -6.70 -11.45 -6.95
CA THR I 101 -7.18 -11.91 -8.25
C THR I 101 -7.28 -13.43 -8.23
N ILE I 102 -8.39 -13.96 -8.72
CA ILE I 102 -8.63 -15.40 -8.81
C ILE I 102 -8.36 -15.82 -10.26
N ALA I 103 -7.40 -16.73 -10.49
CA ALA I 103 -7.14 -17.24 -11.83
C ALA I 103 -8.41 -17.86 -12.44
N GLN I 104 -8.74 -17.52 -13.68
CA GLN I 104 -9.95 -17.96 -14.38
C GLN I 104 -11.27 -17.61 -13.64
N GLY I 105 -11.25 -16.69 -12.68
CA GLY I 105 -12.43 -16.38 -11.88
C GLY I 105 -13.51 -15.57 -12.61
N GLY I 106 -13.12 -14.78 -13.61
CA GLY I 106 -14.01 -13.78 -14.20
C GLY I 106 -14.37 -12.68 -13.19
N VAL I 107 -15.55 -12.08 -13.33
CA VAL I 107 -15.99 -10.97 -12.48
C VAL I 107 -17.45 -11.13 -12.05
N LEU I 108 -17.85 -10.49 -10.94
CA LEU I 108 -19.23 -10.47 -10.46
C LEU I 108 -20.15 -9.82 -11.51
N PRO I 109 -21.25 -10.45 -11.94
CA PRO I 109 -22.12 -9.89 -12.96
C PRO I 109 -22.88 -8.68 -12.41
N ASN I 110 -22.73 -7.52 -13.06
CA ASN I 110 -23.28 -6.24 -12.61
C ASN I 110 -23.29 -5.21 -13.75
N ILE I 111 -24.40 -4.49 -13.89
CA ILE I 111 -24.58 -3.37 -14.82
C ILE I 111 -24.82 -2.08 -14.03
N GLN I 112 -24.06 -1.01 -14.29
CA GLN I 112 -24.39 0.31 -13.73
C GLN I 112 -25.72 0.82 -14.30
N ALA I 113 -26.64 1.24 -13.44
CA ALA I 113 -28.05 1.49 -13.81
C ALA I 113 -28.26 2.57 -14.89
N VAL I 114 -27.31 3.51 -15.04
CA VAL I 114 -27.35 4.55 -16.09
C VAL I 114 -27.14 3.99 -17.49
N LEU I 115 -26.52 2.82 -17.65
CA LEU I 115 -26.37 2.15 -18.95
C LEU I 115 -27.64 1.41 -19.38
N LEU I 116 -28.43 0.94 -18.41
CA LEU I 116 -29.56 0.03 -18.61
C LEU I 116 -30.66 0.73 -19.45
N PRO I 117 -31.22 0.08 -20.48
CA PRO I 117 -31.81 0.79 -21.61
C PRO I 117 -33.20 1.38 -21.34
N LYS I 118 -33.55 2.40 -22.14
CA LYS I 118 -34.87 3.05 -22.24
C LYS I 118 -35.39 3.59 -20.90
N ARG J 31 14.55 -35.88 -3.67
CA ARG J 31 13.75 -35.02 -4.57
C ARG J 31 12.76 -34.18 -3.75
N SER J 32 12.49 -32.94 -4.19
CA SER J 32 11.54 -32.02 -3.55
C SER J 32 10.09 -32.54 -3.54
N ARG J 33 9.26 -31.96 -2.66
CA ARG J 33 7.86 -32.33 -2.38
C ARG J 33 6.99 -31.07 -2.32
N LYS J 34 5.79 -31.09 -2.91
CA LYS J 34 4.94 -29.90 -3.04
C LYS J 34 4.32 -29.40 -1.74
N GLU J 35 4.09 -30.28 -0.76
CA GLU J 35 3.69 -29.89 0.60
C GLU J 35 2.42 -29.01 0.65
N SER J 36 1.42 -29.28 -0.19
CA SER J 36 0.19 -28.48 -0.26
C SER J 36 -0.76 -28.73 0.91
N TYR J 37 -1.83 -27.95 1.00
CA TYR J 37 -2.95 -28.19 1.92
C TYR J 37 -4.07 -29.05 1.30
N SER J 38 -3.84 -29.63 0.12
CA SER J 38 -4.93 -30.16 -0.70
C SER J 38 -5.78 -31.20 0.01
N ILE J 39 -5.17 -32.14 0.73
CA ILE J 39 -5.93 -33.18 1.44
C ILE J 39 -6.83 -32.55 2.51
N TYR J 40 -6.33 -31.57 3.26
CA TYR J 40 -7.10 -30.96 4.33
C TYR J 40 -8.26 -30.14 3.79
N VAL J 41 -8.06 -29.29 2.78
CA VAL J 41 -9.20 -28.54 2.24
C VAL J 41 -10.21 -29.49 1.62
N TYR J 42 -9.76 -30.59 1.03
CA TYR J 42 -10.67 -31.62 0.52
C TYR J 42 -11.50 -32.24 1.65
N LYS J 43 -10.87 -32.59 2.77
CA LYS J 43 -11.59 -33.05 3.96
C LYS J 43 -12.60 -32.02 4.42
N VAL J 44 -12.23 -30.74 4.50
CA VAL J 44 -13.16 -29.71 4.96
C VAL J 44 -14.35 -29.55 4.03
N LEU J 45 -14.15 -29.54 2.70
CA LEU J 45 -15.30 -29.52 1.78
C LEU J 45 -16.20 -30.71 2.07
N LYS J 46 -15.64 -31.91 2.15
CA LYS J 46 -16.41 -33.13 2.35
C LYS J 46 -17.16 -33.12 3.67
N GLN J 47 -16.75 -32.28 4.62
CA GLN J 47 -17.44 -32.07 5.89
C GLN J 47 -18.66 -31.14 5.81
N VAL J 48 -18.82 -30.36 4.74
CA VAL J 48 -19.88 -29.33 4.64
C VAL J 48 -20.75 -29.44 3.38
N HIS J 49 -20.24 -29.99 2.28
CA HIS J 49 -21.00 -30.36 1.09
C HIS J 49 -20.62 -31.77 0.65
N PRO J 50 -21.10 -32.82 1.35
CA PRO J 50 -20.57 -34.18 1.23
C PRO J 50 -20.61 -34.79 -0.17
N ASP J 51 -21.47 -34.30 -1.06
CA ASP J 51 -21.58 -34.75 -2.45
C ASP J 51 -20.61 -34.04 -3.42
N THR J 52 -20.06 -32.88 -3.04
CA THR J 52 -19.47 -31.91 -3.96
C THR J 52 -17.99 -32.22 -4.24
N GLY J 53 -17.50 -31.82 -5.42
CA GLY J 53 -16.11 -32.01 -5.85
C GLY J 53 -15.29 -30.72 -5.97
N ILE J 54 -13.97 -30.83 -6.06
CA ILE J 54 -13.05 -29.72 -6.33
C ILE J 54 -12.29 -29.99 -7.62
N SER J 55 -12.39 -29.12 -8.62
CA SER J 55 -11.47 -29.17 -9.77
C SER J 55 -10.04 -28.82 -9.33
N SER J 56 -9.02 -29.39 -9.95
CA SER J 56 -7.63 -29.11 -9.53
C SER J 56 -7.28 -27.62 -9.62
N LYS J 57 -7.96 -26.86 -10.48
CA LYS J 57 -7.82 -25.41 -10.54
C LYS J 57 -8.36 -24.74 -9.29
N ALA J 58 -9.57 -25.10 -8.86
CA ALA J 58 -10.12 -24.60 -7.61
C ALA J 58 -9.29 -25.07 -6.40
N MET J 59 -8.71 -26.27 -6.45
CA MET J 59 -7.77 -26.71 -5.42
C MET J 59 -6.57 -25.77 -5.34
N GLY J 60 -6.03 -25.37 -6.49
CA GLY J 60 -4.96 -24.39 -6.57
C GLY J 60 -5.35 -23.07 -5.90
N ILE J 61 -6.51 -22.51 -6.25
CA ILE J 61 -7.00 -21.28 -5.61
C ILE J 61 -7.05 -21.44 -4.10
N MET J 62 -7.65 -22.52 -3.61
CA MET J 62 -7.78 -22.73 -2.17
C MET J 62 -6.44 -22.90 -1.48
N ASN J 63 -5.51 -23.61 -2.11
CA ASN J 63 -4.17 -23.75 -1.58
C ASN J 63 -3.50 -22.37 -1.44
N SER J 64 -3.65 -21.49 -2.43
CA SER J 64 -3.15 -20.13 -2.30
C SER J 64 -3.84 -19.38 -1.19
N PHE J 65 -5.17 -19.43 -1.10
CA PHE J 65 -5.90 -18.68 -0.08
C PHE J 65 -5.47 -19.09 1.32
N VAL J 66 -5.40 -20.39 1.61
CA VAL J 66 -4.94 -20.87 2.90
C VAL J 66 -3.52 -20.40 3.17
N ASN J 67 -2.62 -20.57 2.22
CA ASN J 67 -1.23 -20.20 2.42
C ASN J 67 -1.04 -18.69 2.56
N ASP J 68 -1.86 -17.88 1.88
CA ASP J 68 -1.81 -16.43 1.97
C ASP J 68 -2.34 -15.93 3.30
N ILE J 69 -3.48 -16.43 3.78
CA ILE J 69 -3.98 -16.06 5.11
C ILE J 69 -3.01 -16.51 6.20
N PHE J 70 -2.39 -17.67 6.07
CA PHE J 70 -1.33 -18.07 6.99
C PHE J 70 -0.20 -17.05 7.02
N GLU J 71 0.35 -16.66 5.86
CA GLU J 71 1.38 -15.62 5.83
C GLU J 71 0.90 -14.30 6.44
N ARG J 72 -0.34 -13.88 6.19
CA ARG J 72 -0.85 -12.62 6.75
C ARG J 72 -0.95 -12.71 8.27
N ILE J 73 -1.56 -13.76 8.81
CA ILE J 73 -1.73 -13.92 10.26
C ILE J 73 -0.39 -14.09 10.95
N ALA J 74 0.44 -15.02 10.51
CA ALA J 74 1.73 -15.23 11.16
C ALA J 74 2.61 -13.98 11.03
N GLY J 75 2.57 -13.32 9.87
CA GLY J 75 3.28 -12.06 9.66
C GLY J 75 2.86 -11.01 10.66
N GLU J 76 1.57 -10.82 10.87
CA GLU J 76 1.09 -9.86 11.86
C GLU J 76 1.41 -10.29 13.29
N ALA J 77 1.34 -11.59 13.60
CA ALA J 77 1.72 -12.09 14.91
C ALA J 77 3.19 -11.76 15.23
N SER J 78 4.09 -11.82 14.25
CA SER J 78 5.49 -11.45 14.50
C SER J 78 5.61 -10.00 14.94
N ARG J 79 4.90 -9.07 14.27
CA ARG J 79 4.92 -7.66 14.65
C ARG J 79 4.32 -7.45 16.03
N LEU J 80 3.24 -8.16 16.35
CA LEU J 80 2.64 -8.11 17.68
C LEU J 80 3.58 -8.61 18.79
N ALA J 81 4.55 -9.46 18.47
CA ALA J 81 5.61 -9.76 19.42
C ALA J 81 6.60 -8.60 19.54
N HIS J 82 7.17 -8.11 18.43
CA HIS J 82 8.19 -7.05 18.47
C HIS J 82 7.68 -5.77 19.09
N TYR J 83 6.47 -5.35 18.76
CA TYR J 83 5.84 -4.16 19.33
C TYR J 83 5.56 -4.30 20.83
N ASN J 84 5.72 -5.49 21.41
CA ASN J 84 5.63 -5.72 22.86
C ASN J 84 6.95 -6.26 23.43
N LYS J 85 8.01 -6.34 22.62
CA LYS J 85 9.32 -6.94 22.95
C LYS J 85 9.26 -8.29 23.66
N ARG J 86 8.21 -9.08 23.42
CA ARG J 86 8.17 -10.51 23.73
C ARG J 86 9.03 -11.27 22.72
N SER J 87 9.63 -12.38 23.12
CA SER J 87 10.20 -13.32 22.15
C SER J 87 9.11 -14.11 21.46
N THR J 88 8.31 -14.90 22.17
CA THR J 88 7.36 -15.86 21.62
C THR J 88 6.20 -15.23 20.85
N ILE J 89 5.57 -16.01 19.97
CA ILE J 89 4.15 -15.83 19.63
C ILE J 89 3.35 -16.94 20.29
N THR J 90 2.23 -16.62 20.91
CA THR J 90 1.37 -17.56 21.63
C THR J 90 -0.08 -17.38 21.19
N SER J 91 -1.03 -18.10 21.79
CA SER J 91 -2.44 -17.96 21.40
C SER J 91 -2.89 -16.51 21.42
N ARG J 92 -2.57 -15.71 22.45
CA ARG J 92 -3.06 -14.32 22.50
C ARG J 92 -2.43 -13.40 21.44
N GLU J 93 -1.21 -13.66 20.98
CA GLU J 93 -0.71 -12.94 19.81
C GLU J 93 -1.54 -13.28 18.58
N ILE J 94 -1.84 -14.54 18.32
CA ILE J 94 -2.62 -14.92 17.14
C ILE J 94 -4.07 -14.46 17.27
N GLN J 95 -4.67 -14.50 18.46
CA GLN J 95 -5.97 -13.92 18.71
C GLN J 95 -5.98 -12.43 18.32
N THR J 96 -4.97 -11.69 18.72
CA THR J 96 -4.87 -10.29 18.34
C THR J 96 -4.62 -10.11 16.85
N ALA J 97 -3.78 -10.94 16.24
CA ALA J 97 -3.56 -10.89 14.80
C ALA J 97 -4.87 -11.11 14.05
N VAL J 98 -5.69 -12.08 14.47
CA VAL J 98 -7.02 -12.32 13.89
C VAL J 98 -7.93 -11.12 14.08
N ARG J 99 -8.00 -10.61 15.31
CA ARG J 99 -8.85 -9.47 15.67
C ARG J 99 -8.55 -8.25 14.82
N LEU J 100 -7.29 -8.04 14.44
CA LEU J 100 -6.89 -7.00 13.49
C LEU J 100 -7.18 -7.40 12.04
N LEU J 101 -6.74 -8.57 11.61
CA LEU J 101 -6.59 -8.87 10.19
C LEU J 101 -7.93 -9.13 9.50
N LEU J 102 -8.85 -9.84 10.14
CA LEU J 102 -10.15 -10.14 9.57
C LEU J 102 -11.09 -8.92 9.65
N PRO J 103 -12.16 -8.87 8.85
CA PRO J 103 -13.16 -7.79 8.91
C PRO J 103 -14.13 -7.98 10.09
N GLY J 104 -15.45 -7.94 9.89
CA GLY J 104 -16.46 -7.93 10.94
C GLY J 104 -16.73 -9.31 11.54
N GLU J 105 -17.82 -9.96 11.14
CA GLU J 105 -18.26 -11.22 11.73
C GLU J 105 -17.19 -12.31 11.68
N LEU J 106 -16.36 -12.34 10.63
CA LEU J 106 -15.29 -13.32 10.51
C LEU J 106 -14.29 -13.24 11.67
N ALA J 107 -14.05 -12.06 12.25
CA ALA J 107 -13.19 -11.96 13.42
C ALA J 107 -13.79 -12.71 14.62
N LYS J 108 -15.01 -12.37 15.02
CA LYS J 108 -15.67 -13.02 16.16
C LYS J 108 -15.93 -14.51 15.93
N HIS J 109 -16.24 -14.94 14.71
CA HIS J 109 -16.30 -16.37 14.39
C HIS J 109 -14.93 -17.03 14.55
N ALA J 110 -13.87 -16.49 13.93
CA ALA J 110 -12.54 -17.09 14.01
C ALA J 110 -12.03 -17.16 15.45
N VAL J 111 -12.25 -16.12 16.25
CA VAL J 111 -11.93 -16.13 17.69
C VAL J 111 -12.71 -17.21 18.43
N SER J 112 -13.98 -17.40 18.10
CA SER J 112 -14.76 -18.50 18.67
C SER J 112 -14.16 -19.85 18.31
N GLU J 113 -13.70 -20.03 17.08
CA GLU J 113 -13.11 -21.30 16.67
C GLU J 113 -11.77 -21.55 17.36
N GLY J 114 -10.90 -20.55 17.41
CA GLY J 114 -9.59 -20.68 18.06
C GLY J 114 -9.74 -20.99 19.55
N THR J 115 -10.61 -20.28 20.24
CA THR J 115 -10.86 -20.54 21.66
C THR J 115 -11.44 -21.94 21.87
N LYS J 116 -12.34 -22.43 21.01
CA LYS J 116 -12.79 -23.83 21.09
C LYS J 116 -11.61 -24.80 20.95
N ALA J 117 -10.76 -24.62 19.94
CA ALA J 117 -9.67 -25.54 19.67
C ALA J 117 -8.67 -25.61 20.82
N VAL J 118 -8.16 -24.48 21.31
CA VAL J 118 -7.22 -24.50 22.45
C VAL J 118 -7.89 -25.00 23.73
N THR J 119 -9.16 -24.67 23.95
CA THR J 119 -9.92 -25.23 25.08
C THR J 119 -9.89 -26.75 25.04
N LYS J 120 -10.22 -27.37 23.89
CA LYS J 120 -10.20 -28.83 23.78
C LYS J 120 -8.79 -29.39 23.89
N TYR J 121 -7.82 -28.75 23.25
CA TYR J 121 -6.43 -29.20 23.24
C TYR J 121 -5.80 -29.25 24.63
N THR J 122 -6.16 -28.31 25.50
CA THR J 122 -5.65 -28.22 26.88
C THR J 122 -6.38 -29.14 27.87
N SER J 123 -7.12 -30.15 27.38
CA SER J 123 -7.73 -31.21 28.20
C SER J 123 -7.68 -32.56 27.50
N GLY K 140 7.28 45.69 11.72
CA GLY K 140 8.51 44.92 11.51
C GLY K 140 8.72 44.58 10.04
N LEU K 141 9.73 43.76 9.75
CA LEU K 141 10.13 43.37 8.38
C LEU K 141 9.12 42.49 7.62
N GLY K 142 8.03 42.06 8.26
CA GLY K 142 6.96 41.26 7.65
C GLY K 142 6.30 41.89 6.40
N GLY K 143 6.51 43.18 6.17
CA GLY K 143 6.20 43.84 4.90
C GLY K 143 6.85 43.17 3.66
N GLN K 144 7.97 42.47 3.81
CA GLN K 144 8.58 41.69 2.72
C GLN K 144 7.78 40.42 2.37
N GLU K 145 7.18 39.77 3.36
CA GLU K 145 6.30 38.60 3.15
C GLU K 145 4.90 39.03 2.67
N GLU K 146 4.42 40.20 3.12
CA GLU K 146 3.24 40.86 2.57
C GLU K 146 3.47 41.33 1.11
N GLU K 147 4.68 41.77 0.76
CA GLU K 147 5.03 42.07 -0.63
C GLU K 147 5.11 40.81 -1.49
N GLU K 148 5.59 39.67 -0.96
CA GLU K 148 5.51 38.40 -1.68
C GLU K 148 4.05 38.02 -2.02
N GLU K 149 3.12 38.21 -1.07
CA GLU K 149 1.68 38.04 -1.32
C GLU K 149 1.17 39.02 -2.40
N GLN K 150 1.54 40.30 -2.32
CA GLN K 150 1.18 41.31 -3.33
C GLN K 150 1.75 40.98 -4.73
N ARG K 151 3.01 40.53 -4.84
CA ARG K 151 3.64 40.12 -6.10
C ARG K 151 2.92 38.92 -6.71
N TRP K 152 2.64 37.89 -5.91
CA TRP K 152 1.96 36.68 -6.37
C TRP K 152 0.49 36.92 -6.72
N LEU K 153 -0.18 37.87 -6.07
CA LEU K 153 -1.52 38.31 -6.45
C LEU K 153 -1.52 39.23 -7.68
N ASP K 154 -0.53 40.10 -7.84
CA ASP K 154 -0.37 40.90 -9.05
C ASP K 154 -0.21 40.00 -10.28
N ALA K 155 0.62 38.96 -10.16
CA ALA K 155 0.76 37.92 -11.19
C ALA K 155 -0.53 37.09 -11.41
N LEU K 156 -1.37 36.92 -10.37
CA LEU K 156 -2.67 36.24 -10.49
C LEU K 156 -3.74 37.12 -11.18
N GLU K 157 -3.77 38.42 -10.88
CA GLU K 157 -4.63 39.38 -11.57
C GLU K 157 -4.19 39.58 -13.05
N LYS K 158 -2.89 39.45 -13.34
CA LYS K 158 -2.36 39.40 -14.71
C LYS K 158 -2.57 38.04 -15.40
N GLY K 159 -2.62 36.94 -14.64
CA GLY K 159 -2.82 35.57 -15.14
C GLY K 159 -1.56 34.91 -15.72
N GLU K 160 -0.38 35.28 -15.25
CA GLU K 160 0.92 34.90 -15.84
C GLU K 160 1.70 33.91 -14.97
N LEU K 161 1.20 32.67 -14.86
CA LEU K 161 1.61 31.68 -13.86
C LEU K 161 1.74 30.25 -14.43
N ASP K 162 2.43 29.38 -13.70
CA ASP K 162 2.50 27.93 -13.96
C ASP K 162 1.13 27.22 -13.76
N ASP K 163 0.98 25.99 -14.23
CA ASP K 163 -0.25 25.20 -14.05
C ASP K 163 -0.54 24.82 -12.58
N ASN K 164 0.47 24.82 -11.71
CA ASN K 164 0.30 24.70 -10.26
C ASN K 164 0.02 26.05 -9.57
N GLY K 165 -0.07 27.15 -10.33
CA GLY K 165 -0.28 28.52 -9.84
C GLY K 165 0.94 29.15 -9.14
N ASP K 166 1.97 28.39 -8.82
CA ASP K 166 3.20 28.86 -8.19
C ASP K 166 4.06 29.73 -9.13
N LEU K 167 4.87 30.64 -8.59
CA LEU K 167 5.76 31.51 -9.36
C LEU K 167 6.85 30.70 -10.08
N ASN K 172 18.33 25.55 -10.53
CA ASN K 172 19.76 25.84 -10.56
C ASN K 172 20.59 24.53 -10.51
N GLU K 173 21.19 24.15 -11.65
CA GLU K 173 21.87 22.85 -11.82
C GLU K 173 23.00 22.61 -10.82
N ARG K 174 23.66 23.68 -10.36
CA ARG K 174 24.76 23.65 -9.39
C ARG K 174 24.37 22.95 -8.09
N LEU K 175 23.10 23.04 -7.71
CA LEU K 175 22.56 22.56 -6.44
C LEU K 175 21.99 21.13 -6.52
N LEU K 176 21.96 20.51 -7.70
CA LEU K 176 21.42 19.17 -7.90
C LEU K 176 22.37 18.08 -7.37
N THR K 177 21.80 17.01 -6.82
CA THR K 177 22.50 15.76 -6.50
C THR K 177 23.04 15.07 -7.74
N ALA K 178 24.02 14.18 -7.59
CA ALA K 178 24.52 13.37 -8.71
C ALA K 178 23.39 12.57 -9.41
N ARG K 179 22.43 12.04 -8.64
CA ARG K 179 21.23 11.39 -9.18
C ARG K 179 20.37 12.35 -10.00
N GLN K 180 20.10 13.55 -9.48
CA GLN K 180 19.33 14.54 -10.23
C GLN K 180 20.06 15.01 -11.50
N ARG K 181 21.38 15.14 -11.47
CA ARG K 181 22.18 15.43 -12.68
C ARG K 181 22.03 14.31 -13.70
N ALA K 182 22.07 13.05 -13.26
CA ALA K 182 21.82 11.90 -14.12
C ALA K 182 20.40 11.91 -14.71
N LEU K 183 19.37 12.23 -13.91
CA LEU K 183 18.00 12.37 -14.42
C LEU K 183 17.83 13.53 -15.40
N LEU K 184 18.45 14.69 -15.15
CA LEU K 184 18.41 15.81 -16.09
C LEU K 184 19.15 15.48 -17.39
N GLN K 185 20.29 14.78 -17.30
CA GLN K 185 21.00 14.23 -18.45
C GLN K 185 20.12 13.23 -19.24
N LYS K 186 19.37 12.37 -18.54
CA LYS K 186 18.38 11.44 -19.11
C LYS K 186 17.17 12.16 -19.74
N ALA K 187 16.80 13.35 -19.24
CA ALA K 187 15.78 14.19 -19.86
C ALA K 187 16.31 14.96 -21.09
N ARG K 188 17.59 15.34 -21.09
CA ARG K 188 18.28 15.99 -22.23
C ARG K 188 18.56 15.06 -23.40
N SER K 189 18.71 13.75 -23.16
CA SER K 189 18.79 12.71 -24.20
C SER K 189 17.41 12.35 -24.76
#